data_5IDT
#
_entry.id   5IDT
#
_cell.length_a   112.110
_cell.length_b   114.860
_cell.length_c   95.780
_cell.angle_alpha   90.00
_cell.angle_beta   90.58
_cell.angle_gamma   90.00
#
_symmetry.space_group_name_H-M   'C 1 2 1'
#
loop_
_entity.id
_entity.type
_entity.pdbx_description
1 polymer 'Glucose-1-phosphate thymidylyltransferase'
2 non-polymer THYMIDINE
3 non-polymer 1,2-ETHANEDIOL
4 water water
#
_entity_poly.entity_id   1
_entity_poly.type   'polypeptide(L)'
_entity_poly.pdbx_seq_one_letter_code
;MAHHHHHHMTQRKGIILAGGSGTRLHPATLAISKQLLPVYDKPMIYYPLSTLMLAGMRDVLVISTPQDTPRFQQLLGDGS
QWGMNLQYAVQPSPDGLAQAFIIGEQFIGNAPSALVLGDNIYYGHDFQPLLKAADAQSSGATVFAYHVHDPERYGVVQFN
AQGQAVSIEEKPKAPKSNYAVTGLYFYDQQVVDIAKAVKPSARGELEITSVNQAYMQQGQLNVQTMGRGYAWLDTGTHDS
LLDASQFIATLENRQGLKVACPEEIAWRSGWINASQLEALVQPLTKNGYGQYLMQILKETVF
;
_entity_poly.pdbx_strand_id   A,B,C,D
#
loop_
_chem_comp.id
_chem_comp.type
_chem_comp.name
_chem_comp.formula
EDO non-polymer 1,2-ETHANEDIOL 'C2 H6 O2'
THM DNA OH 5 prime terminus THYMIDINE 'C10 H14 N2 O5'
#
# COMPACT_ATOMS: atom_id res chain seq x y z
N THR A 10 29.01 -3.80 -0.44
CA THR A 10 29.30 -4.18 0.94
C THR A 10 28.17 -4.95 1.58
N GLN A 11 28.49 -5.76 2.58
CA GLN A 11 27.48 -6.48 3.33
C GLN A 11 26.81 -5.58 4.37
N ARG A 12 27.18 -4.30 4.41
CA ARG A 12 26.58 -3.37 5.34
C ARG A 12 25.14 -3.10 4.90
N LYS A 13 24.27 -2.93 5.88
CA LYS A 13 22.84 -2.73 5.64
C LYS A 13 22.37 -1.44 6.26
N GLY A 14 21.46 -0.75 5.57
CA GLY A 14 21.12 0.61 5.90
C GLY A 14 19.72 0.76 6.47
N ILE A 15 19.56 1.77 7.32
CA ILE A 15 18.29 2.16 7.90
C ILE A 15 18.06 3.64 7.61
N ILE A 16 16.85 3.98 7.15
CA ILE A 16 16.39 5.36 7.10
C ILE A 16 15.31 5.52 8.16
N LEU A 17 15.50 6.46 9.05
CA LEU A 17 14.50 6.75 10.05
C LEU A 17 13.70 7.95 9.55
N ALA A 18 12.45 7.69 9.18
CA ALA A 18 11.54 8.70 8.64
C ALA A 18 10.28 8.79 9.46
N GLY A 19 10.41 9.16 10.73
CA GLY A 19 9.30 9.23 11.65
C GLY A 19 8.77 10.65 11.81
N GLY A 20 8.10 10.87 12.94
CA GLY A 20 7.32 12.05 13.20
C GLY A 20 8.09 13.33 12.95
N SER A 21 7.57 14.15 12.03
CA SER A 21 8.15 15.44 11.70
C SER A 21 7.92 16.48 12.79
N GLY A 22 6.80 16.38 13.50
CA GLY A 22 6.39 17.47 14.36
C GLY A 22 5.57 18.48 13.58
N THR A 23 4.74 19.22 14.30
CA THR A 23 3.96 20.28 13.66
C THR A 23 4.82 21.44 13.07
N ARG A 24 6.16 21.43 13.03
CA ARG A 24 6.90 22.63 12.67
C ARG A 24 6.65 23.06 11.22
N LEU A 25 6.32 22.11 10.35
CA LEU A 25 6.11 22.41 8.94
C LEU A 25 4.64 22.52 8.56
N HIS A 26 3.73 22.52 9.53
CA HIS A 26 2.34 22.77 9.23
C HIS A 26 2.15 24.17 8.65
N PRO A 27 1.14 24.37 7.80
CA PRO A 27 0.14 23.38 7.36
C PRO A 27 0.57 22.50 6.20
N ALA A 28 1.73 22.75 5.61
CA ALA A 28 2.21 21.88 4.54
C ALA A 28 2.20 20.43 4.94
N THR A 29 2.55 20.13 6.20
CA THR A 29 2.63 18.74 6.64
C THR A 29 1.33 18.18 7.19
N LEU A 30 0.26 18.97 7.20
CA LEU A 30 -1.08 18.40 7.36
C LEU A 30 -1.37 17.46 6.20
N ALA A 31 -0.90 17.82 5.00
CA ALA A 31 -1.21 17.03 3.81
C ALA A 31 -0.42 15.73 3.77
N ILE A 32 0.90 15.80 3.97
CA ILE A 32 1.79 14.66 3.82
C ILE A 32 2.83 14.69 4.92
N SER A 33 3.42 13.53 5.20
CA SER A 33 4.54 13.52 6.12
C SER A 33 5.77 14.20 5.47
N LYS A 34 6.64 14.76 6.33
CA LYS A 34 7.70 15.65 5.88
C LYS A 34 8.61 15.01 4.84
N GLN A 35 8.97 13.74 5.04
CA GLN A 35 9.92 13.09 4.14
C GLN A 35 9.28 12.70 2.80
N LEU A 36 8.00 13.02 2.58
CA LEU A 36 7.40 12.88 1.25
C LEU A 36 7.27 14.22 0.53
N LEU A 37 7.53 15.33 1.20
CA LEU A 37 7.48 16.62 0.53
C LEU A 37 8.58 16.68 -0.53
N PRO A 38 8.34 17.39 -1.62
CA PRO A 38 9.39 17.55 -2.62
C PRO A 38 10.44 18.52 -2.14
N VAL A 39 11.69 18.15 -2.35
CA VAL A 39 12.86 19.01 -2.32
C VAL A 39 13.26 19.18 -3.78
N TYR A 40 12.92 20.34 -4.35
CA TYR A 40 12.93 20.59 -5.79
C TYR A 40 12.01 19.62 -6.54
N ASP A 41 12.53 18.65 -7.29
CA ASP A 41 11.68 17.82 -8.14
C ASP A 41 11.39 16.43 -7.58
N LYS A 42 11.94 16.05 -6.43
CA LYS A 42 11.78 14.67 -6.00
C LYS A 42 11.43 14.59 -4.52
N PRO A 43 10.78 13.50 -4.09
CA PRO A 43 10.43 13.38 -2.67
C PRO A 43 11.67 13.41 -1.79
N MET A 44 11.53 14.05 -0.63
CA MET A 44 12.66 14.19 0.29
C MET A 44 13.37 12.87 0.54
N ILE A 45 12.62 11.76 0.67
CA ILE A 45 13.23 10.47 1.06
C ILE A 45 14.25 10.02 0.03
N TYR A 46 14.12 10.46 -1.23
CA TYR A 46 15.12 10.13 -2.25
C TYR A 46 16.52 10.56 -1.86
N TYR A 47 16.67 11.69 -1.15
CA TYR A 47 18.02 12.19 -0.86
C TYR A 47 18.76 11.29 0.12
N PRO A 48 18.24 11.02 1.32
CA PRO A 48 18.95 10.07 2.20
C PRO A 48 19.01 8.65 1.65
N LEU A 49 17.98 8.19 0.92
CA LEU A 49 18.10 6.87 0.26
C LEU A 49 19.29 6.85 -0.69
N SER A 50 19.38 7.87 -1.56
CA SER A 50 20.49 7.90 -2.50
C SER A 50 21.84 7.99 -1.77
N THR A 51 21.85 8.60 -0.58
CA THR A 51 23.08 8.60 0.22
C THR A 51 23.51 7.18 0.57
N LEU A 52 22.58 6.37 1.09
CA LEU A 52 22.90 4.96 1.34
C LEU A 52 23.32 4.25 0.08
N MET A 53 22.64 4.51 -1.04
CA MET A 53 23.00 3.85 -2.29
C MET A 53 24.42 4.21 -2.71
N LEU A 54 24.76 5.51 -2.64
CA LEU A 54 26.12 5.94 -3.00
C LEU A 54 27.17 5.23 -2.18
N ALA A 55 26.86 4.93 -0.91
CA ALA A 55 27.75 4.14 -0.05
C ALA A 55 27.79 2.67 -0.41
N GLY A 56 26.95 2.21 -1.33
CA GLY A 56 26.97 0.82 -1.74
C GLY A 56 25.92 -0.09 -1.10
N MET A 57 25.03 0.43 -0.27
CA MET A 57 24.05 -0.41 0.39
C MET A 57 22.85 -0.62 -0.53
N ARG A 58 22.55 -1.89 -0.78
CA ARG A 58 21.37 -2.26 -1.53
C ARG A 58 20.26 -2.77 -0.64
N ASP A 59 20.56 -3.09 0.62
CA ASP A 59 19.56 -3.54 1.59
C ASP A 59 19.27 -2.38 2.52
N VAL A 60 18.03 -1.89 2.49
CA VAL A 60 17.64 -0.70 3.22
C VAL A 60 16.32 -0.92 3.94
N LEU A 61 16.30 -0.60 5.22
CA LEU A 61 15.11 -0.65 6.05
C LEU A 61 14.59 0.77 6.22
N VAL A 62 13.36 1.01 5.80
CA VAL A 62 12.71 2.29 6.00
C VAL A 62 11.85 2.17 7.25
N ILE A 63 12.20 2.95 8.27
CA ILE A 63 11.45 2.97 9.51
C ILE A 63 10.64 4.25 9.49
N SER A 64 9.32 4.12 9.67
CA SER A 64 8.43 5.27 9.68
C SER A 64 7.30 5.01 10.67
N THR A 65 6.28 5.88 10.63
CA THR A 65 5.14 5.80 11.55
C THR A 65 4.08 4.80 11.04
N PRO A 66 3.20 4.35 11.93
CA PRO A 66 2.07 3.51 11.48
C PRO A 66 1.30 4.13 10.33
N GLN A 67 1.08 5.44 10.39
CA GLN A 67 0.26 6.10 9.38
C GLN A 67 0.98 6.30 8.07
N ASP A 68 2.30 6.48 8.10
CA ASP A 68 3.04 6.93 6.92
C ASP A 68 3.80 5.82 6.23
N THR A 69 4.14 4.77 6.96
CA THR A 69 4.82 3.63 6.35
C THR A 69 4.15 3.12 5.07
N PRO A 70 2.82 2.99 4.98
CA PRO A 70 2.25 2.53 3.70
C PRO A 70 2.48 3.52 2.58
N ARG A 71 2.52 4.81 2.90
CA ARG A 71 2.77 5.81 1.86
C ARG A 71 4.18 5.65 1.28
N PHE A 72 5.17 5.40 2.14
CA PHE A 72 6.51 5.11 1.63
C PHE A 72 6.52 3.82 0.83
N GLN A 73 5.81 2.80 1.33
CA GLN A 73 5.72 1.52 0.63
C GLN A 73 5.18 1.70 -0.78
N GLN A 74 4.14 2.50 -0.94
CA GLN A 74 3.61 2.77 -2.27
C GLN A 74 4.60 3.56 -3.12
N LEU A 75 5.38 4.48 -2.52
CA LEU A 75 6.30 5.28 -3.34
C LEU A 75 7.46 4.43 -3.81
N LEU A 76 8.07 3.69 -2.88
CA LEU A 76 9.33 3.02 -3.15
C LEU A 76 9.17 1.53 -3.47
N GLY A 77 8.09 0.90 -3.03
CA GLY A 77 7.94 -0.54 -3.27
C GLY A 77 9.03 -1.32 -2.55
N ASP A 78 9.46 -2.43 -3.17
CA ASP A 78 10.52 -3.24 -2.59
C ASP A 78 11.92 -2.90 -3.13
N GLY A 79 12.03 -1.89 -4.00
CA GLY A 79 13.34 -1.47 -4.45
C GLY A 79 13.96 -2.33 -5.54
N SER A 80 13.28 -3.37 -5.98
CA SER A 80 13.81 -4.22 -7.06
C SER A 80 13.83 -3.48 -8.38
N GLN A 81 12.98 -2.46 -8.56
CA GLN A 81 13.14 -1.64 -9.76
C GLN A 81 14.51 -0.99 -9.83
N TRP A 82 15.20 -0.84 -8.70
CA TRP A 82 16.53 -0.27 -8.64
C TRP A 82 17.59 -1.29 -8.27
N GLY A 83 17.28 -2.57 -8.42
CA GLY A 83 18.22 -3.60 -8.01
C GLY A 83 18.48 -3.65 -6.53
N MET A 84 17.54 -3.14 -5.73
CA MET A 84 17.70 -3.06 -4.30
C MET A 84 16.67 -3.94 -3.59
N ASN A 85 16.92 -4.16 -2.31
CA ASN A 85 15.95 -4.81 -1.44
C ASN A 85 15.53 -3.82 -0.36
N LEU A 86 14.33 -3.27 -0.48
CA LEU A 86 13.80 -2.34 0.50
C LEU A 86 12.81 -3.05 1.40
N GLN A 87 12.95 -2.85 2.71
CA GLN A 87 12.09 -3.41 3.74
CA GLN A 87 12.04 -3.40 3.69
C GLN A 87 11.53 -2.29 4.60
N TYR A 88 10.51 -2.60 5.38
CA TYR A 88 9.81 -1.60 6.17
C TYR A 88 9.57 -2.08 7.58
N ALA A 89 9.71 -1.16 8.54
CA ALA A 89 9.35 -1.38 9.93
C ALA A 89 8.84 -0.05 10.49
N VAL A 90 8.23 -0.12 11.67
CA VAL A 90 7.44 0.98 12.20
C VAL A 90 7.97 1.43 13.54
N GLN A 91 8.10 2.75 13.71
CA GLN A 91 8.36 3.30 15.04
C GLN A 91 7.07 3.85 15.61
N PRO A 92 6.47 3.19 16.61
CA PRO A 92 5.16 3.65 17.11
C PRO A 92 5.20 5.03 17.75
N SER A 93 6.30 5.41 18.38
CA SER A 93 6.41 6.77 18.91
C SER A 93 7.85 7.22 18.79
N PRO A 94 8.09 8.54 18.55
CA PRO A 94 9.45 9.05 18.28
C PRO A 94 10.27 9.24 19.56
N ASP A 95 10.73 8.12 20.10
CA ASP A 95 11.41 8.05 21.38
C ASP A 95 12.92 8.20 21.29
N GLY A 96 13.48 8.31 20.11
CA GLY A 96 14.91 8.51 19.99
C GLY A 96 15.49 7.83 18.79
N LEU A 97 16.58 8.41 18.25
CA LEU A 97 17.23 7.85 17.09
C LEU A 97 17.76 6.46 17.38
N ALA A 98 18.22 6.21 18.61
CA ALA A 98 18.81 4.92 18.92
C ALA A 98 17.80 3.79 18.80
N GLN A 99 16.51 4.09 18.95
CA GLN A 99 15.50 3.07 18.77
C GLN A 99 15.55 2.43 17.38
N ALA A 100 16.15 3.13 16.40
CA ALA A 100 16.20 2.57 15.05
C ALA A 100 16.90 1.22 15.01
N PHE A 101 17.93 1.05 15.83
CA PHE A 101 18.65 -0.20 15.84
C PHE A 101 17.93 -1.25 16.65
N ILE A 102 17.07 -0.84 17.59
CA ILE A 102 16.24 -1.83 18.28
C ILE A 102 15.13 -2.32 17.35
N ILE A 103 14.43 -1.40 16.69
CA ILE A 103 13.45 -1.82 15.70
C ILE A 103 14.13 -2.61 14.59
N GLY A 104 15.34 -2.19 14.19
CA GLY A 104 16.05 -2.85 13.10
C GLY A 104 16.92 -4.06 13.41
N GLU A 105 16.75 -4.66 14.59
CA GLU A 105 17.65 -5.74 14.99
C GLU A 105 17.57 -6.96 14.06
N GLN A 106 16.36 -7.39 13.68
CA GLN A 106 16.28 -8.60 12.86
C GLN A 106 16.78 -8.33 11.45
N PHE A 107 16.44 -7.17 10.91
CA PHE A 107 16.94 -6.80 9.58
C PHE A 107 18.46 -6.72 9.56
N ILE A 108 19.06 -6.17 10.62
CA ILE A 108 20.52 -6.03 10.66
C ILE A 108 21.20 -7.39 10.77
N GLY A 109 20.66 -8.29 11.58
CA GLY A 109 21.38 -9.54 11.76
C GLY A 109 22.73 -9.23 12.39
N ASN A 110 23.76 -9.92 11.92
CA ASN A 110 25.12 -9.63 12.36
C ASN A 110 25.97 -8.95 11.30
N ALA A 111 25.38 -8.05 10.59
CA ALA A 111 26.05 -7.26 9.58
C ALA A 111 26.43 -5.91 10.16
N PRO A 112 27.44 -5.23 9.63
CA PRO A 112 27.58 -3.81 9.92
C PRO A 112 26.39 -3.05 9.37
N SER A 113 26.10 -1.90 9.96
CA SER A 113 24.92 -1.15 9.60
C SER A 113 25.24 0.33 9.40
N ALA A 114 24.24 1.06 8.93
CA ALA A 114 24.33 2.50 8.77
C ALA A 114 22.95 3.10 8.98
N LEU A 115 22.91 4.27 9.60
CA LEU A 115 21.67 4.97 9.81
C LEU A 115 21.76 6.36 9.22
N VAL A 116 20.77 6.73 8.43
CA VAL A 116 20.64 8.09 7.91
C VAL A 116 19.24 8.56 8.27
N LEU A 117 19.12 9.85 8.61
CA LEU A 117 17.81 10.43 8.89
C LEU A 117 17.07 10.77 7.61
N GLY A 118 15.76 10.53 7.62
CA GLY A 118 14.95 10.70 6.44
C GLY A 118 14.83 12.12 5.96
N ASP A 119 15.25 13.10 6.75
CA ASP A 119 15.18 14.47 6.33
C ASP A 119 16.56 15.07 6.19
N ASN A 120 17.60 14.24 6.04
CA ASN A 120 18.98 14.71 5.87
C ASN A 120 19.37 14.68 4.40
N ILE A 121 19.78 15.85 3.90
CA ILE A 121 20.15 16.07 2.51
C ILE A 121 21.60 16.48 2.48
N TYR A 122 22.44 15.64 1.88
CA TYR A 122 23.86 15.93 1.73
C TYR A 122 24.21 16.16 0.26
N TYR A 123 25.24 16.99 0.03
CA TYR A 123 25.87 17.09 -1.27
C TYR A 123 27.34 17.38 -1.11
N GLY A 124 28.15 16.71 -1.92
CA GLY A 124 29.57 16.98 -2.03
C GLY A 124 30.15 16.29 -3.25
N HIS A 125 31.08 16.95 -3.92
CA HIS A 125 31.69 16.39 -5.12
C HIS A 125 32.39 15.08 -4.83
N ASP A 126 33.07 14.99 -3.68
CA ASP A 126 33.81 13.80 -3.27
C ASP A 126 33.07 12.98 -2.20
N PHE A 127 31.75 13.15 -2.10
CA PHE A 127 30.98 12.52 -1.03
C PHE A 127 31.04 11.00 -1.11
N GLN A 128 30.92 10.46 -2.33
CA GLN A 128 30.95 9.00 -2.47
C GLN A 128 32.25 8.40 -1.99
N PRO A 129 33.43 8.90 -2.38
CA PRO A 129 34.66 8.37 -1.76
C PRO A 129 34.64 8.52 -0.26
N LEU A 130 34.02 9.57 0.26
CA LEU A 130 33.92 9.70 1.71
C LEU A 130 33.02 8.60 2.29
N LEU A 131 31.86 8.34 1.66
CA LEU A 131 30.99 7.25 2.11
C LEU A 131 31.69 5.91 2.03
N LYS A 132 32.35 5.65 0.90
CA LYS A 132 33.02 4.37 0.72
C LYS A 132 34.09 4.16 1.77
N ALA A 133 34.77 5.23 2.17
CA ALA A 133 35.77 5.13 3.21
C ALA A 133 35.15 4.77 4.56
N ALA A 134 34.02 5.39 4.90
CA ALA A 134 33.33 5.01 6.13
C ALA A 134 32.90 3.55 6.07
N ASP A 135 32.40 3.12 4.91
CA ASP A 135 32.00 1.73 4.75
C ASP A 135 33.19 0.78 4.94
N ALA A 136 34.40 1.22 4.63
CA ALA A 136 35.56 0.35 4.69
C ALA A 136 36.15 0.15 6.09
N GLN A 137 35.81 1.00 7.05
CA GLN A 137 36.27 0.75 8.41
C GLN A 137 35.82 -0.62 8.89
N SER A 138 36.75 -1.41 9.39
CA SER A 138 36.41 -2.78 9.80
C SER A 138 35.61 -2.79 11.08
N SER A 139 35.83 -1.80 11.95
CA SER A 139 35.26 -1.87 13.28
C SER A 139 34.93 -0.48 13.76
N GLY A 140 34.23 -0.42 14.89
CA GLY A 140 33.97 0.87 15.49
C GLY A 140 32.81 1.56 14.80
N ALA A 141 32.83 2.89 14.85
CA ALA A 141 31.76 3.70 14.31
C ALA A 141 32.35 4.90 13.59
N THR A 142 31.59 5.46 12.67
CA THR A 142 32.00 6.67 11.96
C THR A 142 30.84 7.66 11.97
N VAL A 143 31.11 8.88 12.44
CA VAL A 143 30.19 10.00 12.33
C VAL A 143 30.77 11.05 11.37
N PHE A 144 29.91 11.97 10.94
CA PHE A 144 30.28 12.99 9.97
C PHE A 144 30.10 14.36 10.60
N ALA A 145 31.19 15.15 10.63
CA ALA A 145 31.20 16.46 11.26
C ALA A 145 31.07 17.59 10.23
N TYR A 146 30.23 18.57 10.56
CA TYR A 146 29.89 19.67 9.68
C TYR A 146 29.92 20.98 10.45
N HIS A 147 30.65 21.95 9.91
CA HIS A 147 30.74 23.25 10.57
C HIS A 147 29.41 23.99 10.52
N VAL A 148 28.92 24.42 11.67
CA VAL A 148 27.72 25.26 11.73
C VAL A 148 27.99 26.50 12.57
N HIS A 149 27.17 27.53 12.34
CA HIS A 149 27.27 28.74 13.15
C HIS A 149 26.52 28.66 14.47
N ASP A 150 25.71 27.62 14.71
CA ASP A 150 24.88 27.52 15.91
C ASP A 150 24.96 26.11 16.48
N PRO A 151 26.14 25.69 16.94
CA PRO A 151 26.29 24.29 17.37
C PRO A 151 25.39 23.89 18.52
N GLU A 152 24.92 24.86 19.32
CA GLU A 152 24.10 24.54 20.47
C GLU A 152 22.80 23.85 20.10
N ARG A 153 22.39 23.90 18.82
CA ARG A 153 21.16 23.30 18.33
C ARG A 153 21.36 21.86 17.86
N TYR A 154 22.59 21.37 17.84
CA TYR A 154 22.97 20.08 17.28
C TYR A 154 23.73 19.27 18.32
N GLY A 155 24.11 18.05 17.93
CA GLY A 155 25.13 17.29 18.65
C GLY A 155 26.51 17.76 18.19
N VAL A 156 27.40 18.03 19.15
CA VAL A 156 28.68 18.69 18.91
C VAL A 156 29.81 17.73 19.24
N VAL A 157 30.85 17.68 18.37
CA VAL A 157 32.01 16.82 18.56
C VAL A 157 33.31 17.62 18.51
N GLN A 158 34.27 17.28 19.40
CA GLN A 158 35.68 17.69 19.29
C GLN A 158 36.55 16.46 19.04
N PHE A 159 37.44 16.54 18.03
CA PHE A 159 38.19 15.36 17.58
C PHE A 159 39.69 15.64 17.45
N ASN A 160 40.47 14.55 17.49
CA ASN A 160 41.94 14.55 17.59
C ASN A 160 42.69 14.78 16.29
N ALA A 161 42.03 15.21 15.21
CA ALA A 161 42.71 15.48 13.93
C ALA A 161 43.27 14.21 13.28
N GLN A 162 43.37 13.13 14.04
CA GLN A 162 43.64 11.81 13.50
C GLN A 162 42.34 11.13 13.12
N GLY A 163 41.23 11.88 13.19
CA GLY A 163 39.90 11.38 13.02
C GLY A 163 39.31 10.83 14.31
N GLN A 164 39.95 11.09 15.45
CA GLN A 164 39.53 10.52 16.73
C GLN A 164 38.85 11.59 17.57
N ALA A 165 37.61 11.32 17.99
CA ALA A 165 36.82 12.25 18.78
C ALA A 165 37.31 12.31 20.23
N VAL A 166 37.28 13.49 20.81
CA VAL A 166 37.66 13.67 22.20
C VAL A 166 36.46 13.93 23.10
N SER A 167 35.38 14.50 22.59
CA SER A 167 34.14 14.65 23.35
C SER A 167 32.98 14.75 22.38
N ILE A 168 31.79 14.34 22.84
CA ILE A 168 30.58 14.51 22.02
C ILE A 168 29.38 14.80 22.91
N GLU A 169 28.70 15.94 22.66
CA GLU A 169 27.63 16.43 23.52
C GLU A 169 26.36 16.73 22.71
N GLU A 170 25.21 16.34 23.25
CA GLU A 170 23.92 16.58 22.58
C GLU A 170 23.36 17.92 23.02
N LYS A 171 23.21 18.84 22.08
CA LYS A 171 22.70 20.19 22.33
C LYS A 171 23.32 20.88 23.54
N PRO A 172 24.64 21.10 23.55
CA PRO A 172 25.27 21.71 24.72
C PRO A 172 25.02 23.21 24.84
N LYS A 173 25.01 23.65 26.10
CA LYS A 173 24.60 25.01 26.42
C LYS A 173 25.51 26.08 25.79
N ALA A 174 26.84 26.10 26.03
CA ALA A 174 27.95 25.20 26.48
C ALA A 174 28.78 24.49 25.37
N PRO A 175 28.77 24.98 24.12
CA PRO A 175 29.33 24.16 23.03
C PRO A 175 30.85 24.23 22.95
N LYS A 176 31.46 23.07 22.73
CA LYS A 176 32.91 22.92 22.79
C LYS A 176 33.62 23.04 21.44
N SER A 177 32.87 23.12 20.35
CA SER A 177 33.42 23.27 19.01
C SER A 177 32.28 23.78 18.13
N ASN A 178 32.58 23.97 16.85
CA ASN A 178 31.55 24.34 15.89
C ASN A 178 31.16 23.20 14.96
N TYR A 179 31.53 21.97 15.29
CA TYR A 179 31.29 20.85 14.40
C TYR A 179 30.08 20.05 14.90
N ALA A 180 29.00 20.12 14.13
CA ALA A 180 27.79 19.36 14.42
C ALA A 180 27.92 17.93 13.92
N VAL A 181 27.41 16.98 14.69
CA VAL A 181 27.32 15.60 14.23
C VAL A 181 26.08 15.46 13.35
N THR A 182 26.26 15.10 12.08
CA THR A 182 25.11 15.06 11.20
C THR A 182 24.38 13.73 11.33
N GLY A 183 23.24 13.64 10.65
CA GLY A 183 22.36 12.49 10.78
C GLY A 183 22.73 11.35 9.86
N LEU A 184 23.99 10.92 9.94
CA LEU A 184 24.53 9.84 9.14
C LEU A 184 25.51 9.08 10.00
N TYR A 185 25.30 7.78 10.21
CA TYR A 185 26.10 7.03 11.18
C TYR A 185 26.42 5.63 10.65
N PHE A 186 27.68 5.24 10.72
CA PHE A 186 28.13 3.92 10.32
C PHE A 186 28.57 3.15 11.55
N TYR A 187 28.24 1.86 11.61
CA TYR A 187 28.51 1.08 12.81
C TYR A 187 28.92 -0.35 12.48
N ASP A 188 29.73 -0.92 13.37
CA ASP A 188 29.99 -2.35 13.30
C ASP A 188 28.87 -3.11 14.02
N GLN A 189 29.16 -4.35 14.41
CA GLN A 189 28.16 -5.26 14.97
C GLN A 189 27.85 -5.00 16.44
N GLN A 190 28.48 -4.02 17.06
CA GLN A 190 28.22 -3.74 18.46
C GLN A 190 27.00 -2.86 18.68
N VAL A 191 26.49 -2.20 17.64
CA VAL A 191 25.61 -1.07 17.90
C VAL A 191 24.25 -1.53 18.44
N VAL A 192 23.75 -2.67 17.97
CA VAL A 192 22.44 -3.14 18.42
C VAL A 192 22.43 -3.29 19.94
N ASP A 193 23.43 -3.99 20.49
CA ASP A 193 23.48 -4.17 21.93
C ASP A 193 23.73 -2.86 22.65
N ILE A 194 24.53 -1.96 22.06
CA ILE A 194 24.71 -0.64 22.66
C ILE A 194 23.38 0.10 22.69
N ALA A 195 22.72 0.15 21.53
CA ALA A 195 21.45 0.85 21.45
C ALA A 195 20.44 0.29 22.44
N LYS A 196 20.37 -1.05 22.58
CA LYS A 196 19.46 -1.64 23.56
C LYS A 196 19.78 -1.19 24.98
N ALA A 197 21.04 -0.83 25.26
CA ALA A 197 21.40 -0.41 26.60
C ALA A 197 21.30 1.10 26.81
N VAL A 198 20.92 1.88 25.79
CA VAL A 198 20.84 3.32 25.99
C VAL A 198 19.66 3.66 26.91
N LYS A 199 19.92 4.56 27.92
CA LYS A 199 18.91 5.10 28.81
C LYS A 199 18.43 6.46 28.33
N PRO A 200 17.21 6.86 28.66
CA PRO A 200 16.71 8.16 28.20
C PRO A 200 17.58 9.31 28.72
N SER A 201 17.86 10.26 27.85
CA SER A 201 18.79 11.33 28.15
C SER A 201 18.12 12.37 29.04
N ALA A 202 18.85 13.46 29.31
CA ALA A 202 18.26 14.55 30.06
C ALA A 202 17.04 15.12 29.36
N ARG A 203 16.98 15.01 28.02
CA ARG A 203 15.84 15.50 27.27
C ARG A 203 14.81 14.42 26.99
N GLY A 204 14.93 13.26 27.66
CA GLY A 204 13.94 12.21 27.60
C GLY A 204 14.05 11.28 26.42
N GLU A 205 15.09 11.42 25.60
CA GLU A 205 15.22 10.73 24.32
C GLU A 205 16.24 9.59 24.43
N LEU A 206 16.03 8.55 23.63
CA LEU A 206 17.04 7.50 23.47
C LEU A 206 17.96 8.00 22.36
N GLU A 207 18.98 8.74 22.76
CA GLU A 207 19.74 9.54 21.81
C GLU A 207 20.82 8.73 21.11
N ILE A 208 21.03 9.04 19.82
CA ILE A 208 22.14 8.42 19.13
C ILE A 208 23.45 8.93 19.70
N THR A 209 23.46 10.14 20.26
CA THR A 209 24.67 10.65 20.88
C THR A 209 25.14 9.72 21.99
N SER A 210 24.22 9.14 22.74
CA SER A 210 24.64 8.16 23.74
C SER A 210 25.39 7.01 23.10
N VAL A 211 24.87 6.50 21.97
CA VAL A 211 25.52 5.40 21.25
C VAL A 211 26.93 5.80 20.85
N ASN A 212 27.06 6.99 20.25
CA ASN A 212 28.37 7.46 19.81
C ASN A 212 29.32 7.70 20.98
N GLN A 213 28.81 8.15 22.12
CA GLN A 213 29.64 8.28 23.32
C GLN A 213 30.22 6.94 23.74
N ALA A 214 29.43 5.87 23.66
CA ALA A 214 29.97 4.57 24.01
C ALA A 214 31.11 4.19 23.08
N TYR A 215 30.92 4.38 21.78
CA TYR A 215 32.01 4.09 20.86
C TYR A 215 33.23 4.95 21.18
N MET A 216 33.01 6.22 21.58
CA MET A 216 34.12 7.11 21.90
C MET A 216 34.88 6.63 23.11
N GLN A 217 34.18 6.11 24.11
CA GLN A 217 34.86 5.65 25.32
C GLN A 217 35.75 4.45 25.05
N GLN A 218 35.39 3.62 24.09
CA GLN A 218 36.25 2.52 23.67
C GLN A 218 37.33 2.94 22.69
N GLY A 219 37.45 4.24 22.40
CA GLY A 219 38.38 4.70 21.38
C GLY A 219 38.05 4.20 19.99
N GLN A 220 36.76 4.02 19.69
CA GLN A 220 36.32 3.47 18.41
C GLN A 220 35.39 4.40 17.65
N LEU A 221 35.45 5.71 17.91
CA LEU A 221 34.64 6.70 17.21
C LEU A 221 35.54 7.45 16.23
N ASN A 222 35.31 7.24 14.94
CA ASN A 222 36.03 7.99 13.93
C ASN A 222 35.14 9.09 13.38
N VAL A 223 35.75 10.20 13.01
CA VAL A 223 35.04 11.40 12.56
C VAL A 223 35.54 11.75 11.18
N GLN A 224 34.63 11.77 10.22
CA GLN A 224 34.89 12.24 8.88
C GLN A 224 34.39 13.66 8.80
N THR A 225 35.21 14.54 8.26
CA THR A 225 34.89 15.95 8.18
C THR A 225 34.27 16.24 6.82
N MET A 226 33.18 16.96 6.83
CA MET A 226 32.60 17.44 5.59
C MET A 226 32.88 18.92 5.69
N GLY A 227 33.98 19.35 5.07
CA GLY A 227 34.36 20.73 5.16
C GLY A 227 33.99 21.49 3.92
N ARG A 228 34.93 22.31 3.46
CA ARG A 228 34.74 23.15 2.28
C ARG A 228 34.16 22.36 1.12
N GLY A 229 33.07 22.86 0.56
CA GLY A 229 32.46 22.26 -0.61
C GLY A 229 31.27 21.39 -0.30
N TYR A 230 31.09 20.97 0.96
CA TYR A 230 29.99 20.12 1.35
C TYR A 230 28.79 20.94 1.78
N ALA A 231 27.61 20.47 1.38
CA ALA A 231 26.34 21.02 1.83
C ALA A 231 25.63 19.99 2.66
N TRP A 232 25.04 20.44 3.75
CA TRP A 232 24.17 19.65 4.61
C TRP A 232 22.98 20.54 4.89
N LEU A 233 21.84 20.21 4.29
CA LEU A 233 20.74 21.14 4.20
C LEU A 233 19.83 21.00 5.40
N ASP A 234 19.52 22.14 6.00
CA ASP A 234 18.52 22.16 7.03
C ASP A 234 17.15 22.03 6.38
N THR A 235 16.42 20.99 6.76
CA THR A 235 15.02 20.85 6.38
C THR A 235 14.09 21.18 7.54
N GLY A 236 14.59 21.90 8.54
CA GLY A 236 13.82 22.07 9.76
C GLY A 236 12.64 23.00 9.59
N THR A 237 12.79 24.04 8.79
CA THR A 237 11.77 25.07 8.69
C THR A 237 11.31 25.20 7.26
N HIS A 238 10.23 25.93 7.08
CA HIS A 238 9.80 26.25 5.73
C HIS A 238 10.88 27.03 4.99
N ASP A 239 11.49 28.05 5.65
CA ASP A 239 12.54 28.83 5.00
C ASP A 239 13.71 27.96 4.64
N SER A 240 14.10 27.05 5.53
CA SER A 240 15.25 26.23 5.21
C SER A 240 14.91 25.19 4.15
N LEU A 241 13.64 24.75 4.09
CA LEU A 241 13.21 23.82 3.04
C LEU A 241 13.24 24.49 1.67
N LEU A 242 12.82 25.75 1.62
CA LEU A 242 12.87 26.51 0.39
C LEU A 242 14.32 26.68 -0.06
N ASP A 243 15.23 26.93 0.90
CA ASP A 243 16.66 27.02 0.58
C ASP A 243 17.21 25.70 0.05
N ALA A 244 16.76 24.60 0.64
CA ALA A 244 17.19 23.31 0.14
C ALA A 244 16.76 23.11 -1.30
N SER A 245 15.51 23.46 -1.64
CA SER A 245 15.07 23.33 -3.03
C SER A 245 15.85 24.26 -3.95
N GLN A 246 16.05 25.51 -3.53
CA GLN A 246 16.81 26.44 -4.36
C GLN A 246 18.19 25.89 -4.65
N PHE A 247 18.84 25.32 -3.62
CA PHE A 247 20.16 24.76 -3.81
C PHE A 247 20.16 23.63 -4.85
N ILE A 248 19.30 22.62 -4.66
CA ILE A 248 19.24 21.48 -5.58
C ILE A 248 18.95 21.97 -7.00
N ALA A 249 17.97 22.86 -7.14
CA ALA A 249 17.66 23.38 -8.48
C ALA A 249 18.86 24.09 -9.10
N THR A 250 19.64 24.83 -8.29
CA THR A 250 20.79 25.55 -8.82
C THR A 250 21.83 24.58 -9.36
N LEU A 251 22.17 23.55 -8.57
CA LEU A 251 23.13 22.55 -9.04
C LEU A 251 22.66 21.92 -10.35
N GLU A 252 21.36 21.64 -10.45
CA GLU A 252 20.88 20.90 -11.62
C GLU A 252 20.71 21.80 -12.83
N ASN A 253 20.26 23.04 -12.62
CA ASN A 253 20.01 23.88 -13.77
C ASN A 253 21.23 24.69 -14.21
N ARG A 254 22.03 25.18 -13.26
CA ARG A 254 23.20 25.99 -13.59
C ARG A 254 24.46 25.15 -13.84
N GLN A 255 24.61 24.03 -13.16
CA GLN A 255 25.80 23.21 -13.26
C GLN A 255 25.54 21.88 -13.93
N GLY A 256 24.33 21.63 -14.39
CA GLY A 256 24.03 20.36 -15.03
C GLY A 256 24.34 19.14 -14.19
N LEU A 257 24.08 19.19 -12.89
CA LEU A 257 24.37 18.07 -12.01
C LEU A 257 23.05 17.47 -11.53
N LYS A 258 23.03 16.16 -11.32
CA LYS A 258 21.84 15.51 -10.77
C LYS A 258 22.13 15.09 -9.33
N VAL A 259 21.31 15.53 -8.40
CA VAL A 259 21.44 15.10 -7.01
C VAL A 259 20.32 14.10 -6.67
N ALA A 260 20.73 12.96 -6.10
CA ALA A 260 19.82 11.97 -5.52
C ALA A 260 18.83 11.39 -6.55
N CYS A 261 19.36 10.89 -7.64
CA CYS A 261 18.53 10.21 -8.61
C CYS A 261 18.82 8.73 -8.47
N PRO A 262 17.99 7.97 -7.75
CA PRO A 262 18.33 6.55 -7.51
C PRO A 262 18.46 5.72 -8.77
N GLU A 263 17.66 6.01 -9.80
CA GLU A 263 17.77 5.27 -11.06
C GLU A 263 19.18 5.38 -11.62
N GLU A 264 19.73 6.60 -11.62
CA GLU A 264 21.08 6.80 -12.13
C GLU A 264 22.11 6.09 -11.27
N ILE A 265 22.02 6.27 -9.95
CA ILE A 265 23.00 5.64 -9.07
C ILE A 265 22.95 4.13 -9.24
N ALA A 266 21.75 3.56 -9.28
CA ALA A 266 21.63 2.11 -9.44
C ALA A 266 22.27 1.65 -10.75
N TRP A 267 21.98 2.35 -11.85
CA TRP A 267 22.53 1.94 -13.14
C TRP A 267 24.04 2.09 -13.14
N ARG A 268 24.55 3.23 -12.67
CA ARG A 268 26.00 3.42 -12.70
C ARG A 268 26.70 2.50 -11.70
N SER A 269 26.01 2.09 -10.63
CA SER A 269 26.56 1.06 -9.77
C SER A 269 26.44 -0.33 -10.36
N GLY A 270 25.77 -0.46 -11.51
CA GLY A 270 25.60 -1.78 -12.11
C GLY A 270 24.50 -2.63 -11.52
N TRP A 271 23.64 -2.07 -10.65
CA TRP A 271 22.58 -2.84 -10.02
C TRP A 271 21.42 -3.09 -10.97
N ILE A 272 21.27 -2.24 -11.97
CA ILE A 272 20.37 -2.47 -13.10
C ILE A 272 21.18 -2.20 -14.35
N ASN A 273 20.76 -2.81 -15.46
CA ASN A 273 21.37 -2.57 -16.76
C ASN A 273 20.57 -1.51 -17.51
N ALA A 274 21.08 -1.12 -18.67
CA ALA A 274 20.47 -0.05 -19.45
C ALA A 274 19.07 -0.40 -19.95
N SER A 275 18.83 -1.68 -20.27
CA SER A 275 17.48 -2.10 -20.65
C SER A 275 16.50 -1.92 -19.48
N GLN A 276 16.90 -2.37 -18.28
CA GLN A 276 16.08 -2.13 -17.10
C GLN A 276 15.88 -0.64 -16.86
N LEU A 277 16.94 0.16 -17.07
CA LEU A 277 16.84 1.60 -16.86
C LEU A 277 15.91 2.27 -17.87
N GLU A 278 15.98 1.86 -19.14
CA GLU A 278 15.08 2.44 -20.13
C GLU A 278 13.63 2.09 -19.83
N ALA A 279 13.38 0.90 -19.30
CA ALA A 279 12.02 0.54 -18.92
C ALA A 279 11.51 1.47 -17.82
N LEU A 280 12.39 1.88 -16.91
CA LEU A 280 11.99 2.81 -15.86
C LEU A 280 11.61 4.18 -16.41
N VAL A 281 12.23 4.58 -17.54
CA VAL A 281 12.00 5.93 -18.06
C VAL A 281 10.68 6.03 -18.80
N GLN A 282 10.18 4.93 -19.37
CA GLN A 282 9.00 4.99 -20.23
C GLN A 282 7.80 5.71 -19.61
N PRO A 283 7.43 5.48 -18.34
CA PRO A 283 6.35 6.28 -17.74
C PRO A 283 6.77 7.67 -17.30
N LEU A 284 8.04 8.06 -17.47
CA LEU A 284 8.52 9.37 -17.03
C LEU A 284 8.92 10.28 -18.19
N THR A 285 8.57 9.92 -19.43
CA THR A 285 9.08 10.61 -20.61
C THR A 285 8.63 12.07 -20.70
N LYS A 286 7.64 12.48 -19.91
CA LYS A 286 7.04 13.79 -20.12
C LYS A 286 7.93 14.94 -19.67
N ASN A 287 8.76 14.76 -18.65
CA ASN A 287 9.44 15.90 -18.02
C ASN A 287 10.96 15.72 -18.01
N GLY A 288 11.62 16.69 -17.39
CA GLY A 288 13.08 16.75 -17.43
C GLY A 288 13.77 15.67 -16.63
N TYR A 289 13.12 15.19 -15.57
CA TYR A 289 13.71 14.10 -14.79
C TYR A 289 13.90 12.89 -15.68
N GLY A 290 12.86 12.53 -16.42
CA GLY A 290 12.98 11.41 -17.34
C GLY A 290 13.89 11.70 -18.52
N GLN A 291 13.79 12.92 -19.08
CA GLN A 291 14.65 13.22 -20.22
C GLN A 291 16.12 13.19 -19.84
N TYR A 292 16.44 13.52 -18.58
CA TYR A 292 17.81 13.34 -18.10
C TYR A 292 18.24 11.88 -18.17
N LEU A 293 17.43 10.96 -17.65
CA LEU A 293 17.76 9.55 -17.76
C LEU A 293 17.91 9.13 -19.21
N MET A 294 17.15 9.75 -20.10
CA MET A 294 17.34 9.51 -21.53
C MET A 294 18.67 10.08 -22.01
N GLN A 295 18.98 11.32 -21.61
CA GLN A 295 20.23 11.94 -22.02
C GLN A 295 21.42 11.14 -21.51
N ILE A 296 21.30 10.55 -20.31
CA ILE A 296 22.38 9.75 -19.75
C ILE A 296 22.49 8.38 -20.42
N LEU A 297 21.40 7.88 -21.00
CA LEU A 297 21.47 6.62 -21.73
C LEU A 297 22.13 6.76 -23.10
N LYS A 298 22.00 7.93 -23.75
CA LYS A 298 22.63 8.19 -25.06
C LYS A 298 23.87 9.09 -24.99
N THR B 10 -22.72 36.98 -1.85
CA THR B 10 -22.98 36.47 -0.52
C THR B 10 -23.69 35.11 -0.58
N GLN B 11 -24.77 35.04 -1.37
CA GLN B 11 -25.49 33.79 -1.58
C GLN B 11 -24.81 32.89 -2.62
N ARG B 12 -23.71 33.32 -3.20
CA ARG B 12 -23.00 32.56 -4.21
C ARG B 12 -22.23 31.40 -3.59
N LYS B 13 -22.16 30.29 -4.31
CA LYS B 13 -21.52 29.08 -3.84
C LYS B 13 -20.38 28.71 -4.79
N GLY B 14 -19.27 28.22 -4.23
CA GLY B 14 -18.05 28.06 -5.00
C GLY B 14 -17.58 26.63 -5.18
N ILE B 15 -16.90 26.36 -6.30
CA ILE B 15 -16.32 25.06 -6.57
C ILE B 15 -14.83 25.22 -6.88
N ILE B 16 -14.01 24.36 -6.29
CA ILE B 16 -12.62 24.19 -6.68
C ILE B 16 -12.52 22.86 -7.43
N LEU B 17 -12.04 22.93 -8.66
CA LEU B 17 -11.76 21.76 -9.49
C LEU B 17 -10.26 21.46 -9.46
N ALA B 18 -9.87 20.37 -8.84
CA ALA B 18 -8.46 19.99 -8.74
C ALA B 18 -8.35 18.67 -9.51
N GLY B 19 -7.81 18.73 -10.72
CA GLY B 19 -7.74 17.59 -11.59
C GLY B 19 -6.40 16.87 -11.57
N GLY B 20 -6.31 15.86 -12.45
CA GLY B 20 -5.24 14.89 -12.51
C GLY B 20 -3.89 15.55 -12.57
N SER B 21 -2.96 15.13 -11.71
CA SER B 21 -1.67 15.80 -11.68
C SER B 21 -0.91 15.62 -12.98
N GLY B 22 -1.03 14.46 -13.64
CA GLY B 22 -0.22 14.29 -14.82
C GLY B 22 1.20 13.86 -14.50
N THR B 23 1.84 13.13 -15.38
CA THR B 23 3.26 12.86 -15.11
C THR B 23 4.17 14.14 -15.17
N ARG B 24 3.70 15.39 -15.33
CA ARG B 24 4.61 16.50 -15.58
C ARG B 24 5.50 16.81 -14.39
N LEU B 25 5.03 16.55 -13.17
CA LEU B 25 5.76 16.85 -11.94
C LEU B 25 6.33 15.62 -11.23
N HIS B 26 6.32 14.45 -11.86
CA HIS B 26 6.99 13.29 -11.29
C HIS B 26 8.49 13.57 -11.14
N PRO B 27 9.15 12.92 -10.16
CA PRO B 27 8.59 11.93 -9.23
C PRO B 27 7.97 12.59 -8.01
N ALA B 28 8.09 13.91 -7.87
CA ALA B 28 7.48 14.55 -6.71
C ALA B 28 6.00 14.18 -6.57
N THR B 29 5.27 14.12 -7.68
CA THR B 29 3.85 13.85 -7.60
C THR B 29 3.54 12.37 -7.61
N LEU B 30 4.56 11.52 -7.63
CA LEU B 30 4.39 10.14 -7.22
C LEU B 30 3.97 10.06 -5.76
N ALA B 31 4.51 10.96 -4.92
CA ALA B 31 4.25 10.96 -3.49
C ALA B 31 2.92 11.60 -3.14
N ILE B 32 2.63 12.75 -3.73
CA ILE B 32 1.49 13.60 -3.38
C ILE B 32 0.84 14.08 -4.67
N SER B 33 -0.42 14.43 -4.59
CA SER B 33 -1.08 15.07 -5.72
C SER B 33 -0.56 16.51 -5.89
N LYS B 34 -0.59 16.99 -7.12
CA LYS B 34 0.00 18.29 -7.43
C LYS B 34 -0.57 19.39 -6.56
N GLN B 35 -1.90 19.38 -6.39
CA GLN B 35 -2.56 20.46 -5.64
C GLN B 35 -2.42 20.26 -4.13
N LEU B 36 -1.72 19.22 -3.71
CA LEU B 36 -1.31 19.14 -2.31
C LEU B 36 0.16 19.52 -2.12
N LEU B 37 0.91 19.76 -3.19
CA LEU B 37 2.29 20.16 -3.01
C LEU B 37 2.37 21.48 -2.25
N PRO B 38 3.38 21.66 -1.41
CA PRO B 38 3.50 22.94 -0.69
C PRO B 38 3.97 24.03 -1.64
N VAL B 39 3.29 25.17 -1.58
CA VAL B 39 3.77 26.42 -2.18
C VAL B 39 4.24 27.27 -1.02
N TYR B 40 5.56 27.32 -0.81
CA TYR B 40 6.18 27.84 0.41
C TYR B 40 5.70 27.05 1.63
N ASP B 41 4.86 27.64 2.46
CA ASP B 41 4.51 26.96 3.70
C ASP B 41 3.14 26.29 3.69
N LYS B 42 2.39 26.38 2.59
CA LYS B 42 1.01 25.93 2.64
C LYS B 42 0.66 25.13 1.39
N PRO B 43 -0.26 24.16 1.54
CA PRO B 43 -0.66 23.33 0.40
C PRO B 43 -1.26 24.17 -0.70
N MET B 44 -0.97 23.79 -1.94
CA MET B 44 -1.42 24.58 -3.09
C MET B 44 -2.90 24.92 -3.02
N ILE B 45 -3.72 23.97 -2.52
CA ILE B 45 -5.16 24.10 -2.60
C ILE B 45 -5.65 25.27 -1.75
N TYR B 46 -4.90 25.64 -0.71
CA TYR B 46 -5.23 26.82 0.09
C TYR B 46 -5.36 28.09 -0.77
N TYR B 47 -4.57 28.21 -1.85
CA TYR B 47 -4.59 29.45 -2.61
C TYR B 47 -5.90 29.65 -3.35
N PRO B 48 -6.35 28.72 -4.22
CA PRO B 48 -7.67 28.91 -4.82
C PRO B 48 -8.80 28.90 -3.79
N LEU B 49 -8.65 28.14 -2.70
CA LEU B 49 -9.66 28.21 -1.65
C LEU B 49 -9.78 29.62 -1.09
N SER B 50 -8.65 30.20 -0.68
CA SER B 50 -8.68 31.53 -0.09
C SER B 50 -9.22 32.56 -1.07
N THR B 51 -9.03 32.32 -2.37
CA THR B 51 -9.64 33.17 -3.39
C THR B 51 -11.17 33.13 -3.29
N LEU B 52 -11.74 31.92 -3.23
CA LEU B 52 -13.18 31.85 -3.02
C LEU B 52 -13.55 32.51 -1.71
N MET B 53 -12.75 32.29 -0.67
CA MET B 53 -13.05 32.91 0.62
C MET B 53 -13.02 34.43 0.51
N LEU B 54 -11.98 34.99 -0.13
CA LEU B 54 -11.90 36.44 -0.28
C LEU B 54 -13.10 37.00 -1.02
N ALA B 55 -13.65 36.24 -1.97
CA ALA B 55 -14.87 36.68 -2.63
C ALA B 55 -16.09 36.61 -1.73
N GLY B 56 -15.97 36.07 -0.53
CA GLY B 56 -17.08 36.01 0.39
C GLY B 56 -17.81 34.70 0.44
N MET B 57 -17.37 33.69 -0.32
CA MET B 57 -18.08 32.40 -0.34
C MET B 57 -17.65 31.54 0.83
N ARG B 58 -18.64 31.05 1.58
CA ARG B 58 -18.43 30.13 2.68
C ARG B 58 -18.77 28.70 2.35
N ASP B 59 -19.49 28.47 1.26
CA ASP B 59 -19.86 27.13 0.80
C ASP B 59 -19.04 26.78 -0.44
N VAL B 60 -18.20 25.74 -0.32
CA VAL B 60 -17.27 25.35 -1.38
C VAL B 60 -17.33 23.85 -1.60
N LEU B 61 -17.48 23.45 -2.86
CA LEU B 61 -17.43 22.05 -3.26
C LEU B 61 -16.09 21.77 -3.93
N VAL B 62 -15.36 20.80 -3.41
CA VAL B 62 -14.07 20.40 -3.99
C VAL B 62 -14.30 19.18 -4.87
N ILE B 63 -14.03 19.33 -6.16
CA ILE B 63 -14.14 18.23 -7.12
C ILE B 63 -12.74 17.77 -7.45
N SER B 64 -12.49 16.47 -7.33
CA SER B 64 -11.17 15.95 -7.70
C SER B 64 -11.34 14.56 -8.28
N THR B 65 -10.21 13.86 -8.44
CA THR B 65 -10.19 12.54 -9.01
C THR B 65 -10.60 11.54 -7.93
N PRO B 66 -11.00 10.34 -8.32
CA PRO B 66 -11.28 9.32 -7.29
C PRO B 66 -10.08 9.13 -6.39
N GLN B 67 -8.88 9.12 -6.98
CA GLN B 67 -7.71 8.83 -6.17
C GLN B 67 -7.37 9.98 -5.22
N ASP B 68 -7.66 11.22 -5.60
CA ASP B 68 -7.17 12.37 -4.83
C ASP B 68 -8.19 13.03 -3.91
N THR B 69 -9.48 12.91 -4.23
CA THR B 69 -10.53 13.53 -3.41
C THR B 69 -10.46 13.22 -1.92
N PRO B 70 -10.25 11.97 -1.46
CA PRO B 70 -10.16 11.77 -0.01
C PRO B 70 -8.98 12.47 0.62
N ARG B 71 -7.90 12.66 -0.13
CA ARG B 71 -6.76 13.40 0.42
C ARG B 71 -7.15 14.83 0.76
N PHE B 72 -7.92 15.49 -0.10
CA PHE B 72 -8.34 16.86 0.17
C PHE B 72 -9.26 16.91 1.39
N GLN B 73 -10.19 15.95 1.48
CA GLN B 73 -11.04 15.88 2.65
C GLN B 73 -10.21 15.73 3.92
N GLN B 74 -9.15 14.91 3.86
CA GLN B 74 -8.27 14.78 5.02
C GLN B 74 -7.68 16.12 5.42
N LEU B 75 -7.14 16.86 4.44
CA LEU B 75 -6.48 18.14 4.73
C LEU B 75 -7.46 19.15 5.30
N LEU B 76 -8.63 19.29 4.67
CA LEU B 76 -9.54 20.40 4.90
C LEU B 76 -10.73 20.07 5.79
N GLY B 77 -11.17 18.81 5.85
CA GLY B 77 -12.35 18.49 6.63
C GLY B 77 -13.58 19.18 6.05
N ASP B 78 -14.46 19.60 6.94
CA ASP B 78 -15.69 20.26 6.52
C ASP B 78 -15.58 21.78 6.51
N GLY B 79 -14.41 22.33 6.84
CA GLY B 79 -14.24 23.76 6.81
C GLY B 79 -14.85 24.47 8.00
N SER B 80 -15.51 23.74 8.89
CA SER B 80 -16.16 24.37 10.04
C SER B 80 -15.14 25.02 10.96
N GLN B 81 -13.90 24.56 10.94
CA GLN B 81 -12.86 25.24 11.69
C GLN B 81 -12.67 26.68 11.21
N TRP B 82 -13.07 26.99 9.97
CA TRP B 82 -12.98 28.34 9.40
C TRP B 82 -14.36 28.97 9.24
N GLY B 83 -15.36 28.47 9.95
CA GLY B 83 -16.71 28.96 9.79
C GLY B 83 -17.32 28.67 8.43
N MET B 84 -16.78 27.71 7.70
CA MET B 84 -17.20 27.41 6.34
CA MET B 84 -17.23 27.43 6.35
C MET B 84 -17.94 26.08 6.29
N ASN B 85 -18.34 25.71 5.08
CA ASN B 85 -19.03 24.44 4.83
C ASN B 85 -18.39 23.91 3.55
N LEU B 86 -17.50 22.94 3.68
CA LEU B 86 -16.84 22.28 2.55
C LEU B 86 -17.52 20.96 2.25
N GLN B 87 -17.75 20.68 0.97
CA GLN B 87 -18.26 19.39 0.53
C GLN B 87 -17.43 18.88 -0.64
N TYR B 88 -17.54 17.59 -0.91
CA TYR B 88 -16.67 16.90 -1.85
C TYR B 88 -17.47 16.03 -2.81
N ALA B 89 -17.05 16.03 -4.07
CA ALA B 89 -17.55 15.13 -5.09
C ALA B 89 -16.38 14.78 -5.99
N VAL B 90 -16.57 13.77 -6.83
CA VAL B 90 -15.51 13.10 -7.56
C VAL B 90 -15.76 13.27 -9.04
N GLN B 91 -14.70 13.62 -9.80
CA GLN B 91 -14.82 13.56 -11.25
C GLN B 91 -14.23 12.24 -11.70
N PRO B 92 -15.07 11.27 -12.12
CA PRO B 92 -14.58 9.92 -12.41
C PRO B 92 -13.58 9.84 -13.55
N SER B 93 -13.72 10.68 -14.56
CA SER B 93 -12.80 10.69 -15.68
C SER B 93 -12.59 12.14 -16.11
N PRO B 94 -11.43 12.48 -16.55
CA PRO B 94 -11.16 13.89 -16.86
C PRO B 94 -11.76 14.29 -18.19
N ASP B 95 -13.09 14.44 -18.20
CA ASP B 95 -13.85 14.73 -19.40
C ASP B 95 -14.14 16.22 -19.60
N GLY B 96 -13.40 17.11 -18.94
CA GLY B 96 -13.60 18.53 -19.18
C GLY B 96 -14.04 19.35 -17.99
N LEU B 97 -13.64 20.63 -17.99
CA LEU B 97 -13.94 21.53 -16.88
C LEU B 97 -15.43 21.76 -16.68
N ALA B 98 -16.20 21.83 -17.77
CA ALA B 98 -17.63 22.13 -17.63
C ALA B 98 -18.38 21.09 -16.82
N GLN B 99 -17.86 19.85 -16.74
CA GLN B 99 -18.49 18.81 -15.92
C GLN B 99 -18.67 19.22 -14.47
N ALA B 100 -17.84 20.14 -13.98
CA ALA B 100 -17.95 20.57 -12.59
C ALA B 100 -19.35 21.07 -12.27
N PHE B 101 -19.99 21.72 -13.24
CA PHE B 101 -21.33 22.25 -13.02
C PHE B 101 -22.40 21.18 -13.12
N ILE B 102 -22.13 20.09 -13.83
CA ILE B 102 -23.05 18.97 -13.81
C ILE B 102 -22.89 18.19 -12.51
N ILE B 103 -21.64 17.87 -12.14
CA ILE B 103 -21.38 17.20 -10.87
C ILE B 103 -21.86 18.06 -9.69
N GLY B 104 -21.59 19.37 -9.75
CA GLY B 104 -21.98 20.27 -8.67
C GLY B 104 -23.39 20.81 -8.78
N GLU B 105 -24.21 20.23 -9.64
CA GLU B 105 -25.54 20.75 -9.90
C GLU B 105 -26.40 20.79 -8.63
N GLN B 106 -26.35 19.71 -7.84
CA GLN B 106 -27.13 19.65 -6.61
C GLN B 106 -26.56 20.59 -5.56
N PHE B 107 -25.23 20.67 -5.47
CA PHE B 107 -24.59 21.59 -4.55
C PHE B 107 -24.95 23.04 -4.88
N ILE B 108 -25.03 23.38 -6.17
CA ILE B 108 -25.30 24.74 -6.60
C ILE B 108 -26.76 25.13 -6.33
N GLY B 109 -27.70 24.21 -6.57
CA GLY B 109 -29.11 24.57 -6.47
C GLY B 109 -29.47 25.62 -7.51
N ASN B 110 -30.25 26.61 -7.09
CA ASN B 110 -30.57 27.76 -7.93
C ASN B 110 -29.79 28.98 -7.49
N ALA B 111 -28.56 28.78 -7.08
CA ALA B 111 -27.72 29.87 -6.60
C ALA B 111 -26.72 30.32 -7.65
N PRO B 112 -26.23 31.56 -7.56
CA PRO B 112 -25.04 31.93 -8.33
C PRO B 112 -23.85 31.12 -7.85
N SER B 113 -22.90 30.91 -8.74
CA SER B 113 -21.76 30.05 -8.46
C SER B 113 -20.46 30.72 -8.90
N ALA B 114 -19.36 30.05 -8.58
CA ALA B 114 -18.04 30.45 -9.05
C ALA B 114 -17.16 29.21 -9.15
N LEU B 115 -16.33 29.16 -10.17
CA LEU B 115 -15.41 28.04 -10.38
C LEU B 115 -13.98 28.55 -10.45
N VAL B 116 -13.10 27.94 -9.66
CA VAL B 116 -11.67 28.21 -9.70
C VAL B 116 -10.93 26.90 -9.85
N LEU B 117 -9.89 26.90 -10.68
CA LEU B 117 -9.07 25.72 -10.85
C LEU B 117 -8.12 25.56 -9.68
N GLY B 118 -7.92 24.31 -9.26
CA GLY B 118 -7.17 24.01 -8.05
C GLY B 118 -5.71 24.39 -8.09
N ASP B 119 -5.18 24.79 -9.25
CA ASP B 119 -3.78 25.17 -9.35
C ASP B 119 -3.60 26.64 -9.72
N ASN B 120 -4.60 27.48 -9.49
CA ASN B 120 -4.52 28.90 -9.80
C ASN B 120 -4.15 29.68 -8.54
N ILE B 121 -3.05 30.42 -8.60
CA ILE B 121 -2.57 31.20 -7.48
C ILE B 121 -2.56 32.66 -7.94
N TYR B 122 -3.43 33.47 -7.32
CA TYR B 122 -3.51 34.88 -7.61
C TYR B 122 -3.03 35.68 -6.40
N TYR B 123 -2.47 36.86 -6.67
CA TYR B 123 -2.21 37.83 -5.60
C TYR B 123 -2.28 39.22 -6.17
N GLY B 124 -2.95 40.11 -5.45
CA GLY B 124 -2.92 41.52 -5.80
C GLY B 124 -3.55 42.36 -4.71
N HIS B 125 -3.01 43.55 -4.48
CA HIS B 125 -3.53 44.41 -3.42
C HIS B 125 -5.03 44.66 -3.52
N ASP B 126 -5.56 44.83 -4.74
CA ASP B 126 -6.98 45.10 -4.93
C ASP B 126 -7.79 43.86 -5.32
N PHE B 127 -7.29 42.65 -5.03
CA PHE B 127 -7.92 41.41 -5.49
C PHE B 127 -9.29 41.23 -4.87
N GLN B 128 -9.40 41.42 -3.55
CA GLN B 128 -10.71 41.23 -2.93
C GLN B 128 -11.74 42.17 -3.50
N PRO B 129 -11.48 43.48 -3.66
CA PRO B 129 -12.49 44.34 -4.33
C PRO B 129 -12.81 43.89 -5.75
N LEU B 130 -11.83 43.36 -6.47
CA LEU B 130 -12.09 42.87 -7.81
C LEU B 130 -13.04 41.67 -7.76
N LEU B 131 -12.79 40.74 -6.83
CA LEU B 131 -13.67 39.60 -6.66
C LEU B 131 -15.08 40.04 -6.26
N LYS B 132 -15.19 40.89 -5.23
CA LYS B 132 -16.49 41.30 -4.73
C LYS B 132 -17.28 42.04 -5.79
N ALA B 133 -16.60 42.82 -6.62
CA ALA B 133 -17.29 43.50 -7.71
C ALA B 133 -17.86 42.49 -8.71
N ALA B 134 -17.08 41.45 -9.03
CA ALA B 134 -17.61 40.37 -9.85
C ALA B 134 -18.74 39.67 -9.14
N ASP B 135 -18.60 39.45 -7.83
CA ASP B 135 -19.65 38.80 -7.07
C ASP B 135 -20.94 39.58 -7.10
N ALA B 136 -20.84 40.91 -7.19
CA ALA B 136 -21.99 41.80 -7.13
C ALA B 136 -22.76 41.86 -8.44
N GLN B 137 -22.21 41.31 -9.51
CA GLN B 137 -22.91 41.29 -10.80
C GLN B 137 -24.26 40.62 -10.63
N SER B 138 -25.31 41.28 -11.09
CA SER B 138 -26.64 40.73 -10.89
C SER B 138 -26.87 39.51 -11.76
N SER B 139 -26.27 39.47 -12.95
CA SER B 139 -26.56 38.44 -13.94
C SER B 139 -25.33 38.22 -14.81
N GLY B 140 -25.42 37.17 -15.64
CA GLY B 140 -24.38 36.90 -16.62
C GLY B 140 -23.20 36.13 -16.05
N ALA B 141 -22.03 36.35 -16.66
CA ALA B 141 -20.81 35.64 -16.30
C ALA B 141 -19.62 36.61 -16.30
N THR B 142 -18.59 36.27 -15.53
CA THR B 142 -17.38 37.07 -15.46
C THR B 142 -16.17 36.17 -15.61
N VAL B 143 -15.28 36.51 -16.54
CA VAL B 143 -13.98 35.87 -16.61
C VAL B 143 -12.92 36.85 -16.12
N PHE B 144 -11.77 36.30 -15.75
CA PHE B 144 -10.67 37.06 -15.22
C PHE B 144 -9.49 36.93 -16.16
N ALA B 145 -9.05 38.07 -16.68
CA ALA B 145 -7.99 38.15 -17.68
C ALA B 145 -6.72 38.71 -17.07
N TYR B 146 -5.58 38.11 -17.41
CA TYR B 146 -4.29 38.49 -16.88
C TYR B 146 -3.43 38.95 -18.03
N HIS B 147 -2.87 40.14 -17.90
CA HIS B 147 -2.03 40.70 -18.94
C HIS B 147 -0.74 39.90 -19.02
N VAL B 148 -0.42 39.43 -20.23
CA VAL B 148 0.81 38.69 -20.46
C VAL B 148 1.59 39.33 -21.61
N HIS B 149 2.90 39.08 -21.61
CA HIS B 149 3.76 39.54 -22.68
C HIS B 149 3.76 38.59 -23.87
N ASP B 150 3.18 37.41 -23.74
CA ASP B 150 3.17 36.39 -24.79
C ASP B 150 1.78 35.79 -24.87
N PRO B 151 0.80 36.56 -25.35
CA PRO B 151 -0.59 36.06 -25.34
C PRO B 151 -0.79 34.79 -26.15
N GLU B 152 0.07 34.49 -27.11
CA GLU B 152 -0.10 33.30 -27.94
C GLU B 152 -0.03 31.98 -27.16
N ARG B 153 0.48 31.98 -25.93
CA ARG B 153 0.63 30.72 -25.20
C ARG B 153 -0.62 30.32 -24.41
N TYR B 154 -1.61 31.20 -24.31
CA TYR B 154 -2.78 30.99 -23.47
C TYR B 154 -4.04 31.13 -24.32
N GLY B 155 -5.20 30.93 -23.67
CA GLY B 155 -6.46 31.33 -24.27
C GLY B 155 -6.69 32.83 -24.07
N VAL B 156 -7.01 33.52 -25.16
CA VAL B 156 -6.99 34.98 -25.18
C VAL B 156 -8.42 35.51 -25.33
N VAL B 157 -8.74 36.57 -24.59
CA VAL B 157 -10.05 37.21 -24.66
C VAL B 157 -9.84 38.64 -25.15
N GLN B 158 -10.67 39.05 -26.11
CA GLN B 158 -10.76 40.43 -26.57
C GLN B 158 -12.09 40.99 -26.11
N PHE B 159 -12.06 42.15 -25.45
CA PHE B 159 -13.24 42.70 -24.80
C PHE B 159 -13.43 44.17 -25.12
N ASN B 160 -14.68 44.63 -24.98
CA ASN B 160 -15.06 45.99 -25.32
C ASN B 160 -14.61 46.96 -24.23
N ALA B 161 -14.75 48.25 -24.52
CA ALA B 161 -14.33 49.28 -23.58
C ALA B 161 -15.15 49.28 -22.29
N GLN B 162 -16.33 48.67 -22.30
CA GLN B 162 -17.16 48.55 -21.10
C GLN B 162 -16.87 47.30 -20.29
N GLY B 163 -15.86 46.51 -20.66
CA GLY B 163 -15.60 45.25 -19.97
C GLY B 163 -16.36 44.04 -20.47
N GLN B 164 -16.95 44.11 -21.67
CA GLN B 164 -17.77 43.02 -22.20
C GLN B 164 -16.96 42.25 -23.23
N ALA B 165 -16.94 40.92 -23.11
CA ALA B 165 -16.11 40.11 -23.98
C ALA B 165 -16.62 40.13 -25.42
N VAL B 166 -15.69 40.27 -26.37
CA VAL B 166 -16.02 40.27 -27.79
C VAL B 166 -15.47 39.04 -28.52
N SER B 167 -14.40 38.43 -28.03
CA SER B 167 -13.89 37.18 -28.60
C SER B 167 -13.10 36.45 -27.55
N ILE B 168 -13.07 35.12 -27.68
CA ILE B 168 -12.23 34.27 -26.82
C ILE B 168 -11.69 33.13 -27.67
N GLU B 169 -10.36 33.07 -27.82
CA GLU B 169 -9.68 32.09 -28.66
C GLU B 169 -8.53 31.47 -27.88
N GLU B 170 -8.40 30.14 -27.97
CA GLU B 170 -7.36 29.38 -27.26
C GLU B 170 -6.10 29.30 -28.11
N LYS B 171 -4.99 29.83 -27.60
CA LYS B 171 -3.70 29.87 -28.28
C LYS B 171 -3.79 30.46 -29.68
N PRO B 172 -4.12 31.74 -29.81
CA PRO B 172 -4.25 32.35 -31.15
C PRO B 172 -2.88 32.65 -31.78
N LYS B 173 -2.68 32.15 -33.00
CA LYS B 173 -1.51 32.55 -33.77
C LYS B 173 -1.48 34.06 -33.98
N ALA B 174 -2.65 34.68 -34.10
CA ALA B 174 -2.78 36.13 -34.08
C ALA B 174 -3.65 36.52 -32.89
N PRO B 175 -3.10 37.13 -31.84
CA PRO B 175 -3.92 37.46 -30.66
C PRO B 175 -4.79 38.68 -30.92
N LYS B 176 -6.08 38.57 -30.58
CA LYS B 176 -6.94 39.74 -30.61
C LYS B 176 -6.77 40.61 -29.37
N SER B 177 -6.00 40.16 -28.38
CA SER B 177 -5.69 40.93 -27.19
C SER B 177 -4.48 40.30 -26.51
N ASN B 178 -4.02 40.93 -25.44
CA ASN B 178 -2.92 40.42 -24.65
C ASN B 178 -3.40 39.86 -23.31
N TYR B 179 -4.68 39.61 -23.18
CA TYR B 179 -5.28 39.22 -21.91
C TYR B 179 -5.63 37.74 -21.95
N ALA B 180 -4.92 36.95 -21.15
CA ALA B 180 -5.18 35.52 -21.06
C ALA B 180 -6.33 35.24 -20.10
N VAL B 181 -7.18 34.29 -20.46
CA VAL B 181 -8.25 33.89 -19.56
C VAL B 181 -7.65 32.99 -18.48
N THR B 182 -7.83 33.39 -17.22
CA THR B 182 -7.33 32.59 -16.10
C THR B 182 -8.40 31.59 -15.64
N GLY B 183 -8.01 30.72 -14.72
CA GLY B 183 -8.89 29.66 -14.24
C GLY B 183 -9.75 30.07 -13.07
N LEU B 184 -10.52 31.15 -13.25
CA LEU B 184 -11.42 31.67 -12.24
C LEU B 184 -12.64 32.24 -12.96
N TYR B 185 -13.83 31.77 -12.59
CA TYR B 185 -15.05 32.05 -13.34
C TYR B 185 -16.24 32.26 -12.40
N PHE B 186 -17.03 33.31 -12.66
CA PHE B 186 -18.27 33.58 -11.92
C PHE B 186 -19.47 33.39 -12.85
N TYR B 187 -20.57 32.87 -12.32
CA TYR B 187 -21.73 32.56 -13.16
C TYR B 187 -23.04 32.83 -12.43
N ASP B 188 -24.06 33.23 -13.19
CA ASP B 188 -25.40 33.33 -12.61
C ASP B 188 -26.08 31.97 -12.57
N GLN B 189 -27.41 31.93 -12.51
CA GLN B 189 -28.11 30.66 -12.35
C GLN B 189 -28.25 29.87 -13.64
N GLN B 190 -27.78 30.40 -14.77
CA GLN B 190 -27.92 29.75 -16.07
C GLN B 190 -26.87 28.69 -16.35
N VAL B 191 -25.80 28.63 -15.55
CA VAL B 191 -24.61 27.92 -15.98
C VAL B 191 -24.83 26.41 -15.97
N VAL B 192 -25.51 25.89 -14.95
CA VAL B 192 -25.71 24.44 -14.86
C VAL B 192 -26.39 23.96 -16.14
N ASP B 193 -27.43 24.67 -16.57
CA ASP B 193 -28.10 24.34 -17.82
C ASP B 193 -27.21 24.62 -19.04
N ILE B 194 -26.43 25.71 -19.02
CA ILE B 194 -25.54 26.00 -20.14
C ILE B 194 -24.54 24.87 -20.33
N ALA B 195 -23.89 24.46 -19.23
CA ALA B 195 -22.90 23.40 -19.29
C ALA B 195 -23.49 22.11 -19.85
N LYS B 196 -24.73 21.81 -19.49
CA LYS B 196 -25.37 20.60 -19.99
C LYS B 196 -25.46 20.59 -21.51
N ALA B 197 -25.47 21.76 -22.14
CA ALA B 197 -25.57 21.82 -23.59
C ALA B 197 -24.23 21.80 -24.29
N VAL B 198 -23.11 21.77 -23.54
CA VAL B 198 -21.81 21.69 -24.19
C VAL B 198 -21.62 20.32 -24.83
N LYS B 199 -21.12 20.32 -26.07
CA LYS B 199 -20.69 19.21 -26.89
C LYS B 199 -19.19 18.97 -26.74
N PRO B 200 -18.71 17.74 -26.92
CA PRO B 200 -17.29 17.48 -26.72
C PRO B 200 -16.43 18.18 -27.75
N SER B 201 -15.35 18.79 -27.28
CA SER B 201 -14.45 19.53 -28.15
C SER B 201 -13.57 18.57 -28.96
N ALA B 202 -12.71 19.13 -29.80
CA ALA B 202 -11.70 18.35 -30.48
C ALA B 202 -10.72 17.72 -29.49
N ARG B 203 -10.71 18.17 -28.24
CA ARG B 203 -9.95 17.55 -27.18
C ARG B 203 -10.72 16.45 -26.47
N GLY B 204 -11.90 16.08 -26.97
CA GLY B 204 -12.73 15.08 -26.33
C GLY B 204 -13.25 15.48 -24.97
N GLU B 205 -13.29 16.78 -24.66
CA GLU B 205 -13.61 17.29 -23.34
C GLU B 205 -14.72 18.32 -23.43
N LEU B 206 -15.52 18.42 -22.36
CA LEU B 206 -16.56 19.44 -22.23
C LEU B 206 -15.90 20.72 -21.70
N GLU B 207 -15.54 21.62 -22.63
CA GLU B 207 -14.65 22.73 -22.33
C GLU B 207 -15.39 23.89 -21.66
N ILE B 208 -14.69 24.56 -20.73
CA ILE B 208 -15.29 25.76 -20.14
C ILE B 208 -15.40 26.86 -21.18
N THR B 209 -14.53 26.85 -22.19
CA THR B 209 -14.60 27.86 -23.25
C THR B 209 -15.96 27.83 -23.94
N SER B 210 -16.53 26.63 -24.12
CA SER B 210 -17.87 26.54 -24.69
C SER B 210 -18.90 27.17 -23.77
N VAL B 211 -18.78 26.95 -22.45
CA VAL B 211 -19.66 27.61 -21.50
C VAL B 211 -19.54 29.13 -21.63
N ASN B 212 -18.30 29.63 -21.62
CA ASN B 212 -18.09 31.07 -21.71
C ASN B 212 -18.54 31.61 -23.08
N GLN B 213 -18.37 30.81 -24.13
CA GLN B 213 -18.83 31.24 -25.44
C GLN B 213 -20.34 31.48 -25.45
N ALA B 214 -21.11 30.62 -24.78
CA ALA B 214 -22.57 30.78 -24.75
C ALA B 214 -22.96 32.10 -24.12
N TYR B 215 -22.35 32.43 -22.97
CA TYR B 215 -22.60 33.74 -22.35
C TYR B 215 -22.19 34.88 -23.27
N MET B 216 -21.08 34.72 -23.99
CA MET B 216 -20.66 35.77 -24.91
C MET B 216 -21.63 35.85 -26.07
N GLN B 217 -22.12 34.70 -26.54
CA GLN B 217 -23.09 34.70 -27.63
C GLN B 217 -24.39 35.37 -27.18
N GLN B 218 -24.73 35.25 -25.90
CA GLN B 218 -25.84 35.99 -25.33
C GLN B 218 -25.44 37.40 -24.92
N GLY B 219 -24.21 37.81 -25.23
CA GLY B 219 -23.73 39.13 -24.87
C GLY B 219 -23.68 39.40 -23.38
N GLN B 220 -23.48 38.36 -22.56
CA GLN B 220 -23.55 38.49 -21.11
C GLN B 220 -22.24 38.08 -20.43
N LEU B 221 -21.11 38.18 -21.14
CA LEU B 221 -19.81 37.83 -20.58
C LEU B 221 -19.03 39.09 -20.23
N ASN B 222 -18.81 39.32 -18.94
CA ASN B 222 -18.00 40.45 -18.50
C ASN B 222 -16.60 39.98 -18.17
N VAL B 223 -15.63 40.87 -18.32
CA VAL B 223 -14.22 40.54 -18.17
C VAL B 223 -13.62 41.48 -17.14
N GLN B 224 -13.04 40.92 -16.10
CA GLN B 224 -12.25 41.70 -15.15
C GLN B 224 -10.79 41.55 -15.52
N THR B 225 -10.08 42.67 -15.61
CA THR B 225 -8.68 42.68 -16.01
C THR B 225 -7.80 42.74 -14.78
N MET B 226 -6.77 41.92 -14.75
CA MET B 226 -5.76 41.95 -13.69
C MET B 226 -4.47 42.41 -14.34
N GLY B 227 -4.16 43.69 -14.17
CA GLY B 227 -2.96 44.27 -14.74
C GLY B 227 -1.90 44.59 -13.71
N ARG B 228 -1.43 45.84 -13.77
CA ARG B 228 -0.46 46.37 -12.82
C ARG B 228 -0.86 46.01 -11.39
N GLY B 229 0.06 45.41 -10.67
CA GLY B 229 -0.16 45.07 -9.29
C GLY B 229 -0.58 43.64 -9.05
N TYR B 230 -1.03 42.92 -10.08
CA TYR B 230 -1.47 41.53 -9.93
C TYR B 230 -0.39 40.54 -10.33
N ALA B 231 -0.31 39.43 -9.59
CA ALA B 231 0.51 38.28 -9.94
C ALA B 231 -0.38 37.07 -10.22
N TRP B 232 -0.03 36.30 -11.25
CA TRP B 232 -0.68 35.03 -11.60
C TRP B 232 0.40 34.00 -11.91
N LEU B 233 0.61 33.06 -10.99
CA LEU B 233 1.81 32.23 -10.97
C LEU B 233 1.61 30.93 -11.74
N ASP B 234 2.59 30.58 -12.58
CA ASP B 234 2.61 29.29 -13.26
C ASP B 234 3.00 28.16 -12.30
N THR B 235 2.13 27.18 -12.16
CA THR B 235 2.49 26.00 -11.38
C THR B 235 2.73 24.77 -12.25
N GLY B 236 3.03 24.95 -13.53
CA GLY B 236 3.11 23.83 -14.44
C GLY B 236 4.36 22.97 -14.28
N THR B 237 5.49 23.58 -13.98
CA THR B 237 6.74 22.83 -13.96
C THR B 237 7.41 22.93 -12.60
N HIS B 238 8.42 22.08 -12.39
CA HIS B 238 9.20 22.15 -11.17
C HIS B 238 9.87 23.50 -11.03
N ASP B 239 10.46 24.01 -12.12
CA ASP B 239 11.10 25.32 -12.06
C ASP B 239 10.09 26.41 -11.70
N SER B 240 8.92 26.40 -12.32
CA SER B 240 7.96 27.47 -12.03
C SER B 240 7.34 27.28 -10.65
N LEU B 241 7.19 26.04 -10.19
CA LEU B 241 6.70 25.82 -8.84
C LEU B 241 7.67 26.39 -7.82
N LEU B 242 8.96 26.19 -8.04
CA LEU B 242 9.94 26.75 -7.13
C LEU B 242 9.86 28.26 -7.12
N ASP B 243 9.73 28.84 -8.31
CA ASP B 243 9.61 30.29 -8.44
C ASP B 243 8.34 30.79 -7.78
N ALA B 244 7.26 30.01 -7.88
CA ALA B 244 6.03 30.37 -7.17
C ALA B 244 6.26 30.41 -5.66
N SER B 245 6.97 29.41 -5.13
CA SER B 245 7.26 29.42 -3.69
C SER B 245 8.10 30.64 -3.32
N GLN B 246 9.13 30.89 -4.11
CA GLN B 246 9.99 32.05 -3.86
C GLN B 246 9.17 33.35 -3.88
N PHE B 247 8.26 33.47 -4.85
CA PHE B 247 7.38 34.63 -4.88
C PHE B 247 6.63 34.79 -3.57
N ILE B 248 5.91 33.75 -3.13
CA ILE B 248 5.10 33.89 -1.91
C ILE B 248 5.99 34.23 -0.72
N ALA B 249 7.12 33.53 -0.56
CA ALA B 249 8.01 33.76 0.58
C ALA B 249 8.53 35.19 0.59
N THR B 250 8.82 35.74 -0.59
CA THR B 250 9.32 37.10 -0.69
C THR B 250 8.27 38.10 -0.21
N LEU B 251 7.04 37.98 -0.73
CA LEU B 251 5.99 38.92 -0.30
C LEU B 251 5.66 38.80 1.17
N GLU B 252 5.63 37.57 1.70
CA GLU B 252 5.19 37.38 3.08
C GLU B 252 6.24 37.86 4.06
N ASN B 253 7.51 37.64 3.77
CA ASN B 253 8.57 38.04 4.68
C ASN B 253 8.91 39.52 4.57
N ARG B 254 8.79 40.10 3.39
CA ARG B 254 9.16 41.50 3.24
C ARG B 254 8.01 42.43 3.61
N GLN B 255 6.75 42.02 3.39
CA GLN B 255 5.61 42.92 3.56
C GLN B 255 4.74 42.60 4.78
N GLY B 256 5.15 41.66 5.62
CA GLY B 256 4.37 41.37 6.83
C GLY B 256 2.93 40.98 6.58
N LEU B 257 2.67 40.22 5.52
CA LEU B 257 1.35 39.73 5.16
C LEU B 257 1.43 38.24 4.89
N LYS B 258 0.27 37.59 4.89
CA LYS B 258 0.14 36.21 4.46
C LYS B 258 -0.69 36.15 3.19
N VAL B 259 -0.27 35.37 2.22
CA VAL B 259 -1.11 35.08 1.07
C VAL B 259 -1.84 33.75 1.33
N ALA B 260 -3.15 33.74 1.14
CA ALA B 260 -3.95 32.53 1.20
C ALA B 260 -3.83 31.88 2.57
N CYS B 261 -4.09 32.67 3.61
CA CYS B 261 -4.14 32.14 4.96
C CYS B 261 -5.60 32.03 5.35
N PRO B 262 -6.21 30.85 5.25
CA PRO B 262 -7.66 30.76 5.48
C PRO B 262 -8.08 31.18 6.87
N GLU B 263 -7.26 30.86 7.89
CA GLU B 263 -7.56 31.27 9.25
C GLU B 263 -7.75 32.78 9.33
N GLU B 264 -6.82 33.53 8.74
CA GLU B 264 -6.88 34.99 8.75
C GLU B 264 -8.10 35.51 8.00
N ILE B 265 -8.32 34.99 6.79
CA ILE B 265 -9.45 35.46 6.01
C ILE B 265 -10.76 35.23 6.77
N ALA B 266 -10.89 34.05 7.38
CA ALA B 266 -12.10 33.77 8.15
C ALA B 266 -12.24 34.73 9.34
N TRP B 267 -11.15 34.97 10.07
CA TRP B 267 -11.23 35.86 11.23
C TRP B 267 -11.57 37.28 10.79
N ARG B 268 -10.79 37.83 9.85
CA ARG B 268 -11.05 39.19 9.38
C ARG B 268 -12.43 39.32 8.75
N SER B 269 -12.92 38.28 8.06
CA SER B 269 -14.27 38.35 7.51
C SER B 269 -15.34 38.19 8.57
N GLY B 270 -14.98 37.85 9.81
CA GLY B 270 -15.93 37.62 10.88
C GLY B 270 -16.53 36.23 10.91
N TRP B 271 -16.01 35.29 10.14
CA TRP B 271 -16.55 33.93 10.12
C TRP B 271 -16.17 33.13 11.34
N ILE B 272 -15.10 33.49 12.04
CA ILE B 272 -14.75 32.94 13.35
C ILE B 272 -14.43 34.11 14.27
N ASN B 273 -14.51 33.87 15.58
CA ASN B 273 -14.13 34.90 16.53
C ASN B 273 -12.67 34.71 16.96
N ALA B 274 -12.17 35.65 17.77
CA ALA B 274 -10.77 35.61 18.15
C ALA B 274 -10.45 34.42 19.04
N SER B 275 -11.40 34.01 19.90
CA SER B 275 -11.19 32.80 20.68
C SER B 275 -11.08 31.57 19.79
N GLN B 276 -11.96 31.47 18.78
CA GLN B 276 -11.84 30.40 17.82
C GLN B 276 -10.50 30.46 17.08
N LEU B 277 -10.08 31.66 16.67
CA LEU B 277 -8.81 31.78 15.94
C LEU B 277 -7.63 31.36 16.81
N GLU B 278 -7.64 31.73 18.09
CA GLU B 278 -6.56 31.32 18.97
C GLU B 278 -6.49 29.80 19.09
N ALA B 279 -7.64 29.13 19.06
CA ALA B 279 -7.65 27.67 19.07
C ALA B 279 -6.98 27.10 17.84
N LEU B 280 -7.23 27.68 16.66
CA LEU B 280 -6.59 27.18 15.46
C LEU B 280 -5.09 27.41 15.49
N VAL B 281 -4.65 28.43 16.23
CA VAL B 281 -3.23 28.80 16.16
C VAL B 281 -2.39 27.82 16.97
N GLN B 282 -2.97 27.20 17.99
CA GLN B 282 -2.17 26.40 18.93
C GLN B 282 -1.29 25.36 18.25
N PRO B 283 -1.74 24.59 17.25
CA PRO B 283 -0.83 23.64 16.59
C PRO B 283 0.14 24.27 15.61
N LEU B 284 0.10 25.59 15.40
CA LEU B 284 1.00 26.20 14.44
C LEU B 284 2.04 27.08 15.12
N THR B 285 2.15 26.99 16.45
CA THR B 285 2.98 27.92 17.20
C THR B 285 4.45 27.80 16.83
N LYS B 286 4.82 26.68 16.23
CA LYS B 286 6.23 26.38 16.02
C LYS B 286 6.84 27.26 14.95
N ASN B 287 6.04 27.74 14.01
CA ASN B 287 6.55 28.35 12.79
C ASN B 287 6.01 29.76 12.57
N GLY B 288 6.41 30.33 11.44
CA GLY B 288 6.05 31.69 11.12
C GLY B 288 4.59 31.86 10.74
N TYR B 289 3.97 30.80 10.20
CA TYR B 289 2.56 30.86 9.87
C TYR B 289 1.72 31.06 11.13
N GLY B 290 1.94 30.23 12.15
CA GLY B 290 1.17 30.36 13.37
C GLY B 290 1.48 31.64 14.13
N GLN B 291 2.76 32.00 14.21
CA GLN B 291 3.13 33.23 14.91
C GLN B 291 2.60 34.47 14.19
N TYR B 292 2.37 34.39 12.87
CA TYR B 292 1.69 35.49 12.20
C TYR B 292 0.30 35.70 12.78
N LEU B 293 -0.49 34.63 12.84
CA LEU B 293 -1.84 34.68 13.41
C LEU B 293 -1.83 35.19 14.85
N MET B 294 -0.81 34.86 15.62
CA MET B 294 -0.70 35.40 16.97
C MET B 294 -0.50 36.92 16.93
N GLN B 295 0.33 37.41 16.03
CA GLN B 295 0.58 38.85 15.99
C GLN B 295 -0.71 39.61 15.70
N ILE B 296 -1.58 39.06 14.86
CA ILE B 296 -2.81 39.80 14.57
C ILE B 296 -3.79 39.68 15.72
N LEU B 297 -3.66 38.64 16.55
CA LEU B 297 -4.51 38.51 17.73
C LEU B 297 -4.14 39.53 18.80
N LYS B 298 -2.88 39.93 18.86
CA LYS B 298 -2.43 40.89 19.85
C LYS B 298 -2.29 42.27 19.23
N THR C 10 -24.20 8.58 6.85
CA THR C 10 -23.14 7.61 7.13
C THR C 10 -21.81 8.30 7.44
N GLN C 11 -21.79 9.10 8.50
CA GLN C 11 -20.56 9.73 8.96
C GLN C 11 -19.68 8.80 9.78
N ARG C 12 -20.10 7.57 10.04
CA ARG C 12 -19.28 6.64 10.81
C ARG C 12 -18.15 6.11 9.94
N LYS C 13 -16.98 5.91 10.54
CA LYS C 13 -15.82 5.44 9.80
C LYS C 13 -15.33 4.13 10.40
N GLY C 14 -14.92 3.19 9.55
CA GLY C 14 -14.64 1.84 9.97
C GLY C 14 -13.16 1.52 9.92
N ILE C 15 -12.75 0.64 10.84
CA ILE C 15 -11.40 0.11 10.92
C ILE C 15 -11.49 -1.42 10.89
N ILE C 16 -10.68 -2.04 10.05
CA ILE C 16 -10.46 -3.47 10.08
C ILE C 16 -9.09 -3.75 10.68
N LEU C 17 -9.06 -4.56 11.70
CA LEU C 17 -7.82 -4.95 12.32
C LEU C 17 -7.44 -6.29 11.70
N ALA C 18 -6.44 -6.26 10.81
CA ALA C 18 -6.05 -7.40 9.99
C ALA C 18 -4.58 -7.72 10.14
N GLY C 19 -4.03 -7.49 11.31
CA GLY C 19 -2.63 -7.78 11.54
C GLY C 19 -2.43 -9.09 12.25
N GLY C 20 -3.48 -9.90 12.36
CA GLY C 20 -3.45 -11.02 13.26
C GLY C 20 -2.31 -11.96 12.98
N SER C 21 -1.41 -12.08 13.94
CA SER C 21 -0.39 -13.10 13.84
C SER C 21 -1.07 -14.41 14.20
N GLY C 22 -0.61 -15.02 15.30
CA GLY C 22 -1.11 -16.31 15.70
C GLY C 22 -0.44 -17.45 14.95
N THR C 23 0.43 -18.19 15.63
CA THR C 23 0.97 -19.38 14.99
C THR C 23 -0.08 -20.46 14.78
N ARG C 24 -1.37 -20.22 15.11
CA ARG C 24 -2.32 -21.30 15.19
C ARG C 24 -2.59 -21.89 13.83
N LEU C 25 -2.45 -21.10 12.78
CA LEU C 25 -2.70 -21.59 11.43
C LEU C 25 -1.42 -21.94 10.69
N HIS C 26 -0.27 -21.93 11.37
CA HIS C 26 0.94 -22.40 10.73
C HIS C 26 0.76 -23.86 10.33
N PRO C 27 1.41 -24.30 9.24
CA PRO C 27 2.31 -23.53 8.39
C PRO C 27 1.63 -22.75 7.26
N ALA C 28 0.31 -22.86 7.10
CA ALA C 28 -0.38 -22.11 6.06
C ALA C 28 -0.08 -20.62 6.15
N THR C 29 -0.06 -20.08 7.35
CA THR C 29 0.16 -18.65 7.56
C THR C 29 1.63 -18.30 7.73
N LEU C 30 2.55 -19.27 7.59
CA LEU C 30 3.95 -18.88 7.41
C LEU C 30 4.11 -18.06 6.16
N ALA C 31 3.37 -18.41 5.11
CA ALA C 31 3.55 -17.72 3.85
C ALA C 31 2.90 -16.33 3.89
N ILE C 32 1.62 -16.28 4.25
CA ILE C 32 0.82 -15.07 4.07
C ILE C 32 -0.05 -14.87 5.32
N SER C 33 -0.48 -13.62 5.50
CA SER C 33 -1.31 -13.28 6.64
C SER C 33 -2.66 -14.00 6.59
N LYS C 34 -3.20 -14.26 7.79
CA LYS C 34 -4.43 -15.03 7.91
C LYS C 34 -5.56 -14.35 7.14
N GLN C 35 -5.61 -13.01 7.17
CA GLN C 35 -6.74 -12.33 6.56
C GLN C 35 -6.64 -12.26 5.03
N LEU C 36 -5.57 -12.80 4.45
CA LEU C 36 -5.52 -12.98 3.01
C LEU C 36 -5.84 -14.40 2.55
N LEU C 37 -6.00 -15.35 3.45
CA LEU C 37 -6.37 -16.70 3.04
C LEU C 37 -7.79 -16.73 2.46
N PRO C 38 -8.07 -17.61 1.52
CA PRO C 38 -9.44 -17.70 1.00
C PRO C 38 -10.37 -18.36 2.00
N VAL C 39 -11.55 -17.76 2.16
CA VAL C 39 -12.71 -18.42 2.75
C VAL C 39 -13.64 -18.72 1.59
N TYR C 40 -13.60 -19.98 1.13
CA TYR C 40 -14.19 -20.42 -0.13
C TYR C 40 -13.61 -19.66 -1.32
N ASP C 41 -14.36 -18.76 -1.95
CA ASP C 41 -13.85 -18.17 -3.18
C ASP C 41 -13.22 -16.79 -2.99
N LYS C 42 -13.21 -16.23 -1.78
CA LYS C 42 -12.74 -14.85 -1.69
C LYS C 42 -11.86 -14.63 -0.46
N PRO C 43 -10.94 -13.66 -0.51
CA PRO C 43 -10.06 -13.42 0.63
C PRO C 43 -10.84 -13.12 1.89
N MET C 44 -10.33 -13.62 3.00
CA MET C 44 -11.00 -13.44 4.28
C MET C 44 -11.41 -12.00 4.54
N ILE C 45 -10.55 -11.03 4.18
CA ILE C 45 -10.80 -9.65 4.56
C ILE C 45 -12.07 -9.12 3.90
N TYR C 46 -12.46 -9.69 2.75
CA TYR C 46 -13.71 -9.30 2.12
C TYR C 46 -14.89 -9.44 3.05
N TYR C 47 -14.87 -10.46 3.96
CA TYR C 47 -16.02 -10.69 4.84
C TYR C 47 -16.18 -9.59 5.89
N PRO C 48 -15.18 -9.26 6.73
CA PRO C 48 -15.35 -8.11 7.63
C PRO C 48 -15.46 -6.77 6.89
N LEU C 49 -14.80 -6.59 5.74
CA LEU C 49 -15.00 -5.37 4.97
C LEU C 49 -16.45 -5.24 4.51
N SER C 50 -17.02 -6.33 3.98
CA SER C 50 -18.40 -6.26 3.53
C SER C 50 -19.34 -6.02 4.71
N THR C 51 -18.97 -6.49 5.91
CA THR C 51 -19.78 -6.15 7.07
C THR C 51 -19.85 -4.63 7.26
N LEU C 52 -18.68 -3.97 7.24
CA LEU C 52 -18.66 -2.51 7.37
C LEU C 52 -19.47 -1.85 6.25
N MET C 53 -19.35 -2.37 5.03
CA MET C 53 -20.12 -1.81 3.92
C MET C 53 -21.63 -1.96 4.14
N LEU C 54 -22.07 -3.15 4.57
CA LEU C 54 -23.51 -3.33 4.83
C LEU C 54 -23.98 -2.35 5.89
N ALA C 55 -23.13 -2.01 6.85
CA ALA C 55 -23.53 -1.02 7.83
C ALA C 55 -23.58 0.40 7.26
N GLY C 56 -23.09 0.61 6.03
CA GLY C 56 -23.10 1.92 5.42
C GLY C 56 -21.77 2.66 5.44
N MET C 57 -20.70 2.05 5.93
CA MET C 57 -19.42 2.72 5.97
C MET C 57 -18.68 2.62 4.64
N ARG C 58 -18.29 3.78 4.11
CA ARG C 58 -17.51 3.88 2.88
C ARG C 58 -16.06 4.24 3.13
N ASP C 59 -15.71 4.67 4.34
CA ASP C 59 -14.32 4.98 4.69
C ASP C 59 -13.82 3.89 5.62
N VAL C 60 -12.81 3.15 5.17
CA VAL C 60 -12.31 2.02 5.94
C VAL C 60 -10.81 2.10 6.02
N LEU C 61 -10.29 1.98 7.23
CA LEU C 61 -8.88 1.93 7.51
C LEU C 61 -8.47 0.49 7.76
N VAL C 62 -7.54 -0.01 6.97
CA VAL C 62 -7.04 -1.37 7.08
C VAL C 62 -5.71 -1.34 7.81
N ILE C 63 -5.64 -2.01 8.96
CA ILE C 63 -4.42 -2.12 9.75
C ILE C 63 -3.84 -3.53 9.56
N SER C 64 -2.57 -3.61 9.17
CA SER C 64 -1.93 -4.90 9.01
C SER C 64 -0.43 -4.79 9.34
N THR C 65 0.31 -5.82 8.98
CA THR C 65 1.74 -5.93 9.23
C THR C 65 2.52 -5.18 8.16
N PRO C 66 3.78 -4.80 8.44
CA PRO C 66 4.59 -4.19 7.38
C PRO C 66 4.69 -5.08 6.15
N GLN C 67 4.88 -6.39 6.35
CA GLN C 67 5.10 -7.25 5.19
C GLN C 67 3.82 -7.43 4.39
N ASP C 68 2.65 -7.37 5.04
CA ASP C 68 1.41 -7.71 4.36
C ASP C 68 0.59 -6.49 3.92
N THR C 69 0.76 -5.32 4.53
CA THR C 69 0.06 -4.13 4.06
C THR C 69 0.18 -3.91 2.55
N PRO C 70 1.33 -4.13 1.90
CA PRO C 70 1.35 -3.99 0.43
C PRO C 70 0.46 -5.02 -0.24
N ARG C 71 0.34 -6.22 0.33
CA ARG C 71 -0.53 -7.21 -0.26
C ARG C 71 -2.01 -6.79 -0.16
N PHE C 72 -2.40 -6.21 0.98
CA PHE C 72 -3.76 -5.70 1.09
C PHE C 72 -3.99 -4.54 0.12
N GLN C 73 -3.01 -3.62 0.00
CA GLN C 73 -3.12 -2.53 -0.97
C GLN C 73 -3.25 -3.07 -2.37
N GLN C 74 -2.43 -4.06 -2.72
CA GLN C 74 -2.53 -4.68 -4.04
C GLN C 74 -3.93 -5.26 -4.26
N LEU C 75 -4.51 -5.89 -3.24
CA LEU C 75 -5.82 -6.52 -3.39
C LEU C 75 -6.94 -5.49 -3.44
N LEU C 76 -6.92 -4.53 -2.52
CA LEU C 76 -8.08 -3.67 -2.36
C LEU C 76 -7.91 -2.31 -3.05
N GLY C 77 -6.68 -1.88 -3.30
CA GLY C 77 -6.45 -0.56 -3.87
C GLY C 77 -6.92 0.50 -2.91
N ASP C 78 -7.37 1.62 -3.47
CA ASP C 78 -7.86 2.73 -2.64
C ASP C 78 -9.35 2.66 -2.43
N GLY C 79 -10.01 1.63 -2.97
CA GLY C 79 -11.42 1.38 -2.78
C GLY C 79 -12.33 2.20 -3.66
N SER C 80 -11.79 3.13 -4.46
CA SER C 80 -12.62 3.98 -5.31
C SER C 80 -13.36 3.18 -6.38
N GLN C 81 -12.84 2.01 -6.78
CA GLN C 81 -13.60 1.15 -7.68
C GLN C 81 -14.95 0.77 -7.09
N TRP C 82 -15.10 0.82 -5.77
CA TRP C 82 -16.38 0.50 -5.13
C TRP C 82 -17.04 1.73 -4.54
N GLY C 83 -16.66 2.92 -5.00
CA GLY C 83 -17.19 4.11 -4.40
C GLY C 83 -16.78 4.29 -2.96
N MET C 84 -15.71 3.65 -2.53
CA MET C 84 -15.20 3.74 -1.16
C MET C 84 -13.88 4.52 -1.12
N ASN C 85 -13.47 4.82 0.11
CA ASN C 85 -12.12 5.27 0.43
C ASN C 85 -11.47 4.30 1.42
N LEU C 86 -10.53 3.51 0.93
CA LEU C 86 -9.77 2.60 1.76
C LEU C 86 -8.40 3.22 2.07
N GLN C 87 -8.08 3.32 3.35
CA GLN C 87 -6.76 3.74 3.79
CA GLN C 87 -6.78 3.76 3.85
C GLN C 87 -6.08 2.59 4.52
N TYR C 88 -4.76 2.73 4.67
CA TYR C 88 -3.88 1.71 5.25
C TYR C 88 -3.01 2.31 6.34
N ALA C 89 -2.81 1.53 7.40
CA ALA C 89 -1.83 1.86 8.42
C ALA C 89 -1.21 0.56 8.89
N VAL C 90 -0.07 0.67 9.55
CA VAL C 90 0.73 -0.52 9.85
C VAL C 90 0.84 -0.65 11.36
N GLN C 91 0.52 -1.82 11.88
CA GLN C 91 0.67 -2.10 13.31
C GLN C 91 1.98 -2.82 13.57
N PRO C 92 2.87 -2.27 14.40
CA PRO C 92 4.19 -2.89 14.58
C PRO C 92 4.15 -4.32 15.10
N SER C 93 3.21 -4.65 16.00
CA SER C 93 3.05 -6.00 16.50
C SER C 93 1.62 -6.16 16.98
N PRO C 94 1.08 -7.42 17.01
CA PRO C 94 -0.34 -7.58 17.35
C PRO C 94 -0.59 -7.36 18.83
N ASP C 95 -0.61 -6.08 19.22
CA ASP C 95 -0.79 -5.68 20.60
C ASP C 95 -2.29 -5.53 20.84
N GLY C 96 -2.66 -4.81 21.89
CA GLY C 96 -4.07 -4.63 22.19
C GLY C 96 -4.95 -4.22 21.03
N LEU C 97 -6.21 -4.64 21.07
CA LEU C 97 -7.15 -4.25 20.02
C LEU C 97 -7.42 -2.75 20.06
N ALA C 98 -7.45 -2.18 21.27
CA ALA C 98 -7.68 -0.75 21.40
C ALA C 98 -6.58 0.06 20.72
N GLN C 99 -5.41 -0.54 20.50
CA GLN C 99 -4.34 0.11 19.76
C GLN C 99 -4.84 0.60 18.41
N ALA C 100 -5.91 -0.01 17.90
CA ALA C 100 -6.49 0.41 16.63
C ALA C 100 -6.94 1.87 16.70
N PHE C 101 -7.41 2.31 17.87
CA PHE C 101 -7.87 3.69 17.98
C PHE C 101 -6.72 4.67 18.14
N ILE C 102 -5.56 4.21 18.62
CA ILE C 102 -4.39 5.07 18.66
C ILE C 102 -3.85 5.27 17.23
N ILE C 103 -3.67 4.17 16.51
CA ILE C 103 -3.21 4.22 15.12
C ILE C 103 -4.20 4.99 14.25
N GLY C 104 -5.49 4.75 14.43
CA GLY C 104 -6.49 5.39 13.59
C GLY C 104 -7.00 6.75 14.03
N GLU C 105 -6.32 7.40 14.98
CA GLU C 105 -6.85 8.63 15.55
C GLU C 105 -7.07 9.71 14.49
N GLN C 106 -6.10 9.90 13.59
CA GLN C 106 -6.32 10.94 12.59
C GLN C 106 -7.36 10.50 11.58
N PHE C 107 -7.33 9.23 11.17
CA PHE C 107 -8.36 8.77 10.23
C PHE C 107 -9.75 8.92 10.85
N ILE C 108 -9.87 8.61 12.15
CA ILE C 108 -11.16 8.74 12.81
C ILE C 108 -11.54 10.22 12.92
N GLY C 109 -10.58 11.07 13.25
CA GLY C 109 -10.94 12.45 13.46
C GLY C 109 -11.91 12.52 14.60
N ASN C 110 -12.96 13.29 14.42
CA ASN C 110 -14.04 13.33 15.40
C ASN C 110 -15.31 12.64 14.90
N ALA C 111 -15.18 11.49 14.27
CA ALA C 111 -16.32 10.75 13.75
C ALA C 111 -16.72 9.61 14.68
N PRO C 112 -17.97 9.16 14.60
CA PRO C 112 -18.30 7.85 15.19
C PRO C 112 -17.49 6.79 14.47
N SER C 113 -17.17 5.70 15.16
CA SER C 113 -16.32 4.74 14.50
C SER C 113 -16.88 3.32 14.71
N ALA C 114 -16.23 2.37 14.04
CA ALA C 114 -16.54 0.95 14.18
C ALA C 114 -15.27 0.17 13.98
N LEU C 115 -15.10 -0.90 14.75
CA LEU C 115 -13.93 -1.75 14.66
C LEU C 115 -14.40 -3.16 14.38
N VAL C 116 -13.80 -3.80 13.37
CA VAL C 116 -14.08 -5.22 13.12
C VAL C 116 -12.77 -5.97 13.01
N LEU C 117 -12.72 -7.16 13.62
CA LEU C 117 -11.53 -7.99 13.48
C LEU C 117 -11.55 -8.62 12.10
N GLY C 118 -10.37 -8.68 11.47
CA GLY C 118 -10.22 -9.12 10.10
C GLY C 118 -10.53 -10.57 9.86
N ASP C 119 -10.74 -11.36 10.92
CA ASP C 119 -11.01 -12.79 10.77
C ASP C 119 -12.41 -13.16 11.26
N ASN C 120 -13.28 -12.19 11.42
CA ASN C 120 -14.64 -12.42 11.87
C ASN C 120 -15.59 -12.45 10.68
N ILE C 121 -16.32 -13.55 10.55
CA ILE C 121 -17.21 -13.79 9.43
C ILE C 121 -18.64 -13.94 9.94
N TYR C 122 -19.49 -13.01 9.53
CA TYR C 122 -20.90 -12.95 9.90
C TYR C 122 -21.78 -13.23 8.70
N TYR C 123 -22.96 -13.80 8.96
CA TYR C 123 -24.04 -13.84 7.98
C TYR C 123 -25.36 -13.88 8.71
N GLY C 124 -26.31 -13.15 8.19
CA GLY C 124 -27.68 -13.32 8.64
C GLY C 124 -28.60 -12.61 7.68
N HIS C 125 -29.76 -13.21 7.43
CA HIS C 125 -30.72 -12.61 6.50
C HIS C 125 -31.05 -11.19 6.90
N ASP C 126 -31.21 -10.93 8.20
CA ASP C 126 -31.56 -9.61 8.70
C ASP C 126 -30.37 -8.85 9.28
N PHE C 127 -29.16 -9.20 8.87
CA PHE C 127 -27.97 -8.61 9.47
C PHE C 127 -27.89 -7.12 9.20
N GLN C 128 -28.16 -6.71 7.96
CA GLN C 128 -28.00 -5.30 7.62
C GLN C 128 -28.86 -4.38 8.47
N PRO C 129 -30.16 -4.64 8.68
CA PRO C 129 -30.92 -3.80 9.64
C PRO C 129 -30.33 -3.83 11.02
N LEU C 130 -29.74 -4.95 11.44
CA LEU C 130 -29.10 -4.98 12.74
C LEU C 130 -27.91 -4.03 12.76
N LEU C 131 -27.11 -4.05 11.71
CA LEU C 131 -26.00 -3.11 11.59
C LEU C 131 -26.52 -1.68 11.58
N LYS C 132 -27.54 -1.42 10.78
CA LYS C 132 -28.06 -0.06 10.69
C LYS C 132 -28.58 0.43 12.03
N ALA C 133 -29.21 -0.45 12.81
CA ALA C 133 -29.69 -0.02 14.12
C ALA C 133 -28.55 0.37 15.04
N ALA C 134 -27.45 -0.40 15.02
CA ALA C 134 -26.28 0.00 15.80
C ALA C 134 -25.72 1.34 15.34
N ASP C 135 -25.65 1.54 14.02
CA ASP C 135 -25.13 2.80 13.49
C ASP C 135 -25.97 4.00 13.90
N ALA C 136 -27.27 3.80 14.12
CA ALA C 136 -28.17 4.91 14.40
C ALA C 136 -28.08 5.41 15.84
N GLN C 137 -27.43 4.67 16.73
CA GLN C 137 -27.26 5.12 18.11
C GLN C 137 -26.55 6.47 18.15
N SER C 138 -27.15 7.40 18.91
CA SER C 138 -26.59 8.74 18.99
C SER C 138 -25.31 8.77 19.81
N SER C 139 -25.20 7.92 20.82
CA SER C 139 -24.08 7.99 21.75
C SER C 139 -23.77 6.61 22.28
N GLY C 140 -22.65 6.50 22.99
CA GLY C 140 -22.29 5.25 23.63
C GLY C 140 -21.58 4.29 22.69
N ALA C 141 -21.74 3.00 22.97
CA ALA C 141 -21.07 1.94 22.23
C ALA C 141 -22.03 0.78 22.04
N THR C 142 -21.76 -0.02 21.02
CA THR C 142 -22.54 -1.22 20.73
C THR C 142 -21.60 -2.41 20.46
N VAL C 143 -21.84 -3.52 21.16
CA VAL C 143 -21.20 -4.78 20.88
C VAL C 143 -22.24 -5.71 20.25
N PHE C 144 -21.76 -6.76 19.60
CA PHE C 144 -22.62 -7.73 18.95
C PHE C 144 -22.43 -9.08 19.64
N ALA C 145 -23.52 -9.60 20.17
CA ALA C 145 -23.51 -10.82 20.98
C ALA C 145 -24.05 -11.98 20.16
N TYR C 146 -23.37 -13.12 20.28
CA TYR C 146 -23.75 -14.31 19.55
C TYR C 146 -24.02 -15.43 20.54
N HIS C 147 -25.21 -16.02 20.43
CA HIS C 147 -25.63 -17.09 21.32
C HIS C 147 -24.81 -18.36 21.06
N VAL C 148 -24.19 -18.89 22.10
CA VAL C 148 -23.43 -20.12 21.98
C VAL C 148 -23.89 -21.14 23.01
N HIS C 149 -23.60 -22.41 22.72
CA HIS C 149 -23.85 -23.49 23.67
C HIS C 149 -22.71 -23.67 24.67
N ASP C 150 -21.57 -23.01 24.46
CA ASP C 150 -20.39 -23.16 25.32
C ASP C 150 -19.80 -21.79 25.63
N PRO C 151 -20.53 -20.93 26.34
CA PRO C 151 -20.05 -19.55 26.55
C PRO C 151 -18.74 -19.44 27.32
N GLU C 152 -18.41 -20.43 28.16
CA GLU C 152 -17.19 -20.36 28.96
C GLU C 152 -15.92 -20.27 28.11
N ARG C 153 -16.01 -20.55 26.81
CA ARG C 153 -14.85 -20.51 25.95
C ARG C 153 -14.60 -19.12 25.36
N TYR C 154 -15.54 -18.20 25.56
CA TYR C 154 -15.49 -16.88 24.92
C TYR C 154 -15.57 -15.80 25.98
N GLY C 155 -15.50 -14.54 25.53
CA GLY C 155 -15.85 -13.41 26.37
C GLY C 155 -17.35 -13.24 26.38
N VAL C 156 -17.94 -13.15 27.57
CA VAL C 156 -19.38 -13.27 27.77
C VAL C 156 -19.94 -11.93 28.20
N VAL C 157 -21.07 -11.55 27.61
CA VAL C 157 -21.76 -10.33 27.98
C VAL C 157 -23.12 -10.70 28.55
N GLN C 158 -23.45 -10.13 29.71
CA GLN C 158 -24.76 -10.23 30.32
C GLN C 158 -25.42 -8.86 30.25
N PHE C 159 -26.65 -8.81 29.76
CA PHE C 159 -27.27 -7.52 29.52
C PHE C 159 -28.68 -7.46 30.07
N ASN C 160 -29.08 -6.24 30.40
CA ASN C 160 -30.36 -5.91 30.98
C ASN C 160 -31.43 -5.87 29.90
N ALA C 161 -32.67 -6.13 30.31
CA ALA C 161 -33.85 -6.13 29.45
C ALA C 161 -33.92 -4.95 28.47
N GLN C 162 -33.17 -3.88 28.75
CA GLN C 162 -33.13 -2.70 27.90
C GLN C 162 -32.10 -2.79 26.78
N GLY C 163 -31.40 -3.91 26.65
CA GLY C 163 -30.31 -4.00 25.69
C GLY C 163 -29.00 -3.45 26.19
N GLN C 164 -28.89 -3.19 27.49
CA GLN C 164 -27.72 -2.57 28.10
C GLN C 164 -26.90 -3.64 28.82
N ALA C 165 -25.60 -3.67 28.55
CA ALA C 165 -24.74 -4.67 29.18
C ALA C 165 -24.59 -4.37 30.67
N VAL C 166 -24.62 -5.42 31.48
CA VAL C 166 -24.43 -5.26 32.93
C VAL C 166 -23.09 -5.84 33.40
N SER C 167 -22.52 -6.80 32.68
CA SER C 167 -21.19 -7.33 32.97
C SER C 167 -20.59 -7.91 31.70
N ILE C 168 -19.26 -7.97 31.68
CA ILE C 168 -18.51 -8.64 30.61
C ILE C 168 -17.34 -9.35 31.28
N GLU C 169 -17.30 -10.68 31.13
CA GLU C 169 -16.31 -11.50 31.80
C GLU C 169 -15.65 -12.41 30.78
N GLU C 170 -14.33 -12.52 30.84
CA GLU C 170 -13.56 -13.31 29.87
C GLU C 170 -13.46 -14.76 30.35
N LYS C 171 -14.02 -15.66 29.55
CA LYS C 171 -14.01 -17.10 29.84
C LYS C 171 -14.38 -17.44 31.29
N PRO C 172 -15.60 -17.11 31.73
CA PRO C 172 -15.97 -17.36 33.13
C PRO C 172 -16.27 -18.82 33.41
N LYS C 173 -15.93 -19.22 34.64
CA LYS C 173 -16.34 -20.54 35.11
C LYS C 173 -17.85 -20.63 35.26
N ALA C 174 -18.48 -19.53 35.70
CA ALA C 174 -19.94 -19.44 35.84
C ALA C 174 -20.44 -18.33 34.94
N PRO C 175 -20.61 -18.60 33.65
CA PRO C 175 -21.01 -17.53 32.71
C PRO C 175 -22.40 -17.00 33.02
N LYS C 176 -22.53 -15.68 33.03
CA LYS C 176 -23.79 -15.05 33.41
C LYS C 176 -24.82 -15.08 32.28
N SER C 177 -24.42 -15.52 31.09
CA SER C 177 -25.30 -15.63 29.93
C SER C 177 -24.66 -16.60 28.96
N ASN C 178 -25.34 -16.78 27.81
CA ASN C 178 -24.85 -17.58 26.68
C ASN C 178 -24.41 -16.72 25.51
N TYR C 179 -24.22 -15.43 25.71
CA TYR C 179 -23.93 -14.52 24.61
C TYR C 179 -22.45 -14.17 24.61
N ALA C 180 -21.76 -14.62 23.55
CA ALA C 180 -20.35 -14.31 23.36
C ALA C 180 -20.21 -12.96 22.67
N VAL C 181 -19.24 -12.17 23.14
CA VAL C 181 -18.96 -10.88 22.52
C VAL C 181 -18.20 -11.16 21.24
N THR C 182 -18.75 -10.74 20.10
CA THR C 182 -18.07 -10.96 18.83
C THR C 182 -17.11 -9.82 18.53
N GLY C 183 -16.38 -9.95 17.41
CA GLY C 183 -15.37 -8.98 17.04
C GLY C 183 -15.89 -7.84 16.19
N LEU C 184 -16.95 -7.19 16.62
CA LEU C 184 -17.50 -6.04 15.92
C LEU C 184 -18.01 -5.07 16.96
N TYR C 185 -17.53 -3.82 16.93
CA TYR C 185 -17.80 -2.86 17.99
C TYR C 185 -18.09 -1.52 17.34
N PHE C 186 -19.14 -0.86 17.79
CA PHE C 186 -19.45 0.48 17.33
C PHE C 186 -19.18 1.48 18.44
N TYR C 187 -18.62 2.65 18.09
CA TYR C 187 -18.24 3.62 19.12
C TYR C 187 -18.61 5.02 18.71
N ASP C 188 -18.93 5.85 19.71
CA ASP C 188 -19.12 7.27 19.47
C ASP C 188 -17.75 7.96 19.48
N GLN C 189 -17.74 9.27 19.74
CA GLN C 189 -16.52 10.07 19.68
C GLN C 189 -15.66 9.96 20.93
N GLN C 190 -16.10 9.22 21.94
CA GLN C 190 -15.34 9.13 23.18
C GLN C 190 -14.22 8.10 23.10
N VAL C 191 -14.20 7.25 22.08
CA VAL C 191 -13.42 6.02 22.18
C VAL C 191 -11.93 6.27 22.10
N VAL C 192 -11.51 7.22 21.26
CA VAL C 192 -10.07 7.48 21.15
C VAL C 192 -9.50 7.87 22.50
N ASP C 193 -10.18 8.80 23.18
CA ASP C 193 -9.73 9.25 24.50
C ASP C 193 -9.92 8.15 25.54
N ILE C 194 -10.99 7.36 25.44
CA ILE C 194 -11.12 6.22 26.35
C ILE C 194 -9.95 5.28 26.12
N ALA C 195 -9.64 4.99 24.85
CA ALA C 195 -8.54 4.10 24.53
C ALA C 195 -7.22 4.58 25.13
N LYS C 196 -6.93 5.88 25.02
CA LYS C 196 -5.66 6.42 25.50
C LYS C 196 -5.45 6.25 27.02
N ALA C 197 -6.53 6.17 27.80
CA ALA C 197 -6.48 6.05 29.25
C ALA C 197 -6.58 4.62 29.79
N VAL C 198 -6.73 3.59 28.95
CA VAL C 198 -6.89 2.23 29.49
C VAL C 198 -5.60 1.74 30.13
N LYS C 199 -5.75 0.80 31.27
CA LYS C 199 -4.40 0.34 31.61
C LYS C 199 -4.06 -0.90 30.81
N PRO C 200 -2.79 -1.03 30.41
CA PRO C 200 -2.38 -2.17 29.57
C PRO C 200 -2.33 -3.51 30.30
N SER C 201 -2.10 -4.56 29.51
CA SER C 201 -1.83 -5.91 30.00
C SER C 201 -2.97 -6.49 30.85
N GLU C 205 -0.68 -4.82 26.69
CA GLU C 205 -1.53 -4.54 25.53
C GLU C 205 -2.75 -3.72 25.95
N LEU C 206 -3.20 -2.85 25.05
CA LEU C 206 -4.41 -2.05 25.24
C LEU C 206 -5.64 -2.83 24.80
N GLU C 207 -6.29 -3.50 25.74
CA GLU C 207 -7.34 -4.45 25.40
C GLU C 207 -8.65 -3.75 25.10
N ILE C 208 -9.39 -4.29 24.13
CA ILE C 208 -10.70 -3.72 23.80
C ILE C 208 -11.69 -3.95 24.94
N THR C 209 -11.50 -5.01 25.73
CA THR C 209 -12.37 -5.23 26.88
C THR C 209 -12.33 -4.05 27.84
N SER C 210 -11.14 -3.48 28.05
CA SER C 210 -11.05 -2.30 28.89
C SER C 210 -11.88 -1.16 28.31
N VAL C 211 -11.77 -0.94 27.00
CA VAL C 211 -12.56 0.10 26.36
C VAL C 211 -14.04 -0.15 26.62
N ASN C 212 -14.47 -1.39 26.38
CA ASN C 212 -15.88 -1.72 26.57
C ASN C 212 -16.27 -1.66 28.03
N GLN C 213 -15.36 -2.02 28.94
CA GLN C 213 -15.63 -1.86 30.37
C GLN C 213 -15.93 -0.41 30.71
N ALA C 214 -15.17 0.53 30.14
CA ALA C 214 -15.41 1.94 30.44
C ALA C 214 -16.80 2.37 30.00
N TYR C 215 -17.22 1.99 28.79
CA TYR C 215 -18.56 2.30 28.32
C TYR C 215 -19.65 1.67 29.20
N MET C 216 -19.42 0.44 29.67
CA MET C 216 -20.43 -0.21 30.50
C MET C 216 -20.54 0.47 31.85
N GLN C 217 -19.42 0.90 32.44
CA GLN C 217 -19.49 1.57 33.73
C GLN C 217 -20.23 2.89 33.63
N GLN C 218 -20.18 3.56 32.49
CA GLN C 218 -20.98 4.75 32.24
C GLN C 218 -22.41 4.43 31.83
N GLY C 219 -22.80 3.15 31.82
CA GLY C 219 -24.11 2.81 31.33
C GLY C 219 -24.34 3.13 29.86
N GLN C 220 -23.30 3.06 29.04
CA GLN C 220 -23.44 3.42 27.63
C GLN C 220 -23.06 2.28 26.69
N LEU C 221 -23.06 1.03 27.19
CA LEU C 221 -22.74 -0.12 26.35
C LEU C 221 -24.04 -0.83 26.01
N ASN C 222 -24.44 -0.76 24.74
CA ASN C 222 -25.62 -1.49 24.29
C ASN C 222 -25.22 -2.74 23.51
N VAL C 223 -26.13 -3.71 23.49
CA VAL C 223 -25.84 -5.03 22.93
C VAL C 223 -26.85 -5.33 21.84
N GLN C 224 -26.36 -5.69 20.65
CA GLN C 224 -27.18 -6.25 19.60
C GLN C 224 -27.04 -7.77 19.62
N THR C 225 -28.17 -8.46 19.60
CA THR C 225 -28.19 -9.92 19.73
C THR C 225 -28.30 -10.60 18.37
N MET C 226 -27.50 -11.62 18.16
CA MET C 226 -27.56 -12.46 16.97
C MET C 226 -27.94 -13.87 17.40
N GLY C 227 -29.21 -14.21 17.24
CA GLY C 227 -29.63 -15.55 17.60
C GLY C 227 -29.88 -16.40 16.38
N ARG C 228 -31.04 -17.06 16.41
CA ARG C 228 -31.48 -17.95 15.33
C ARG C 228 -31.33 -17.31 13.96
N GLY C 229 -30.69 -18.02 13.06
CA GLY C 229 -30.55 -17.58 11.70
C GLY C 229 -29.23 -16.92 11.40
N TYR C 230 -28.50 -16.52 12.43
CA TYR C 230 -27.21 -15.86 12.27
C TYR C 230 -26.10 -16.89 12.37
N ALA C 231 -25.07 -16.70 11.56
CA ALA C 231 -23.83 -17.43 11.67
C ALA C 231 -22.70 -16.48 12.10
N TRP C 232 -21.82 -16.96 12.95
CA TRP C 232 -20.61 -16.26 13.34
C TRP C 232 -19.49 -17.29 13.30
N LEU C 233 -18.62 -17.18 12.31
CA LEU C 233 -17.68 -18.23 12.05
C LEU C 233 -16.38 -17.97 12.78
N ASP C 234 -15.96 -18.98 13.51
CA ASP C 234 -14.64 -19.04 14.08
C ASP C 234 -13.65 -19.36 12.96
N THR C 235 -12.66 -18.48 12.72
CA THR C 235 -11.55 -18.85 11.85
C THR C 235 -10.31 -19.18 12.66
N GLY C 236 -10.49 -19.58 13.92
CA GLY C 236 -9.36 -19.74 14.83
C GLY C 236 -8.46 -20.90 14.49
N THR C 237 -9.02 -22.00 14.00
CA THR C 237 -8.24 -23.21 13.74
C THR C 237 -8.38 -23.59 12.27
N HIS C 238 -7.55 -24.50 11.83
CA HIS C 238 -7.71 -25.01 10.47
C HIS C 238 -9.08 -25.67 10.30
N ASP C 239 -9.50 -26.50 11.27
CA ASP C 239 -10.80 -27.16 11.14
C ASP C 239 -11.89 -26.12 11.07
N SER C 240 -11.77 -25.07 11.87
CA SER C 240 -12.82 -24.07 11.90
C SER C 240 -12.81 -23.21 10.64
N LEU C 241 -11.64 -22.89 10.07
CA LEU C 241 -11.58 -22.20 8.76
C LEU C 241 -12.18 -23.07 7.64
N LEU C 242 -11.91 -24.37 7.68
CA LEU C 242 -12.52 -25.26 6.70
C LEU C 242 -14.04 -25.25 6.84
N ASP C 243 -14.55 -25.25 8.07
CA ASP C 243 -15.99 -25.15 8.28
C ASP C 243 -16.56 -23.84 7.72
N ALA C 244 -15.82 -22.73 7.90
CA ALA C 244 -16.29 -21.47 7.37
C ALA C 244 -16.41 -21.52 5.86
N SER C 245 -15.40 -22.10 5.22
CA SER C 245 -15.43 -22.25 3.77
C SER C 245 -16.61 -23.11 3.31
N GLN C 246 -16.83 -24.26 3.99
CA GLN C 246 -17.95 -25.15 3.65
C GLN C 246 -19.28 -24.43 3.79
N PHE C 247 -19.44 -23.68 4.87
CA PHE C 247 -20.66 -22.93 5.07
C PHE C 247 -20.91 -21.97 3.92
N ILE C 248 -19.91 -21.15 3.58
CA ILE C 248 -20.08 -20.18 2.50
C ILE C 248 -20.40 -20.92 1.21
N ALA C 249 -19.66 -21.99 0.92
CA ALA C 249 -19.92 -22.74 -0.29
C ALA C 249 -21.33 -23.29 -0.31
N THR C 250 -21.84 -23.66 0.86
CA THR C 250 -23.20 -24.21 0.94
C THR C 250 -24.24 -23.15 0.58
N LEU C 251 -24.13 -21.97 1.18
CA LEU C 251 -25.08 -20.89 0.87
C LEU C 251 -25.02 -20.54 -0.61
N GLU C 252 -23.82 -20.52 -1.19
CA GLU C 252 -23.71 -20.01 -2.54
C GLU C 252 -24.15 -21.07 -3.54
N ASN C 253 -23.81 -22.34 -3.31
CA ASN C 253 -24.12 -23.40 -4.27
C ASN C 253 -25.50 -24.02 -4.07
N ARG C 254 -25.92 -24.23 -2.82
CA ARG C 254 -27.21 -24.86 -2.54
C ARG C 254 -28.35 -23.85 -2.49
N GLN C 255 -28.07 -22.60 -2.09
CA GLN C 255 -29.13 -21.61 -1.99
C GLN C 255 -28.97 -20.43 -2.93
N GLY C 256 -27.94 -20.41 -3.77
CA GLY C 256 -27.73 -19.27 -4.65
C GLY C 256 -27.60 -17.92 -3.95
N LEU C 257 -26.96 -17.89 -2.77
CA LEU C 257 -26.78 -16.65 -2.02
C LEU C 257 -25.32 -16.27 -2.04
N LYS C 258 -25.02 -14.98 -2.20
CA LYS C 258 -23.64 -14.49 -2.22
C LYS C 258 -23.36 -13.82 -0.90
N VAL C 259 -22.30 -14.27 -0.25
CA VAL C 259 -21.85 -13.67 1.00
C VAL C 259 -20.62 -12.78 0.75
N ALA C 260 -20.69 -11.55 1.25
CA ALA C 260 -19.53 -10.66 1.29
C ALA C 260 -18.97 -10.37 -0.10
N CYS C 261 -19.83 -9.95 -1.03
CA CYS C 261 -19.37 -9.55 -2.35
C CYS C 261 -19.38 -8.02 -2.43
N PRO C 262 -18.26 -7.34 -2.23
CA PRO C 262 -18.34 -5.87 -2.16
C PRO C 262 -18.87 -5.23 -3.44
N GLU C 263 -18.56 -5.79 -4.61
CA GLU C 263 -19.07 -5.19 -5.85
C GLU C 263 -20.59 -5.05 -5.81
N GLU C 264 -21.28 -6.12 -5.40
CA GLU C 264 -22.73 -6.09 -5.35
C GLU C 264 -23.23 -5.11 -4.28
N ILE C 265 -22.64 -5.16 -3.09
CA ILE C 265 -23.05 -4.25 -2.04
C ILE C 265 -22.82 -2.80 -2.48
N ALA C 266 -21.67 -2.53 -3.10
CA ALA C 266 -21.40 -1.18 -3.56
C ALA C 266 -22.46 -0.74 -4.56
N TRP C 267 -22.78 -1.61 -5.51
CA TRP C 267 -23.82 -1.29 -6.48
C TRP C 267 -25.17 -1.13 -5.79
N ARG C 268 -25.58 -2.12 -5.00
CA ARG C 268 -26.92 -2.07 -4.40
C ARG C 268 -27.06 -0.90 -3.43
N SER C 269 -25.96 -0.44 -2.83
CA SER C 269 -25.97 0.75 -1.98
C SER C 269 -25.89 2.06 -2.77
N GLY C 270 -25.74 2.00 -4.09
CA GLY C 270 -25.63 3.21 -4.89
C GLY C 270 -24.27 3.86 -4.94
N TRP C 271 -23.23 3.19 -4.43
CA TRP C 271 -21.90 3.79 -4.43
C TRP C 271 -21.24 3.73 -5.81
N ILE C 272 -21.64 2.76 -6.64
CA ILE C 272 -21.27 2.70 -8.04
C ILE C 272 -22.57 2.46 -8.80
N ASN C 273 -22.57 2.85 -10.07
CA ASN C 273 -23.71 2.57 -10.92
C ASN C 273 -23.46 1.30 -11.72
N ALA C 274 -24.45 0.90 -12.52
CA ALA C 274 -24.32 -0.33 -13.30
C ALA C 274 -23.22 -0.22 -14.34
N SER C 275 -23.01 0.96 -14.93
CA SER C 275 -21.89 1.11 -15.85
C SER C 275 -20.57 0.86 -15.14
N GLN C 276 -20.40 1.43 -13.95
CA GLN C 276 -19.20 1.16 -13.17
C GLN C 276 -19.08 -0.32 -12.83
N LEU C 277 -20.19 -0.96 -12.43
CA LEU C 277 -20.15 -2.37 -12.08
C LEU C 277 -19.81 -3.24 -13.29
N GLU C 278 -20.33 -2.87 -14.47
CA GLU C 278 -20.01 -3.63 -15.67
C GLU C 278 -18.53 -3.56 -15.99
N ALA C 279 -17.92 -2.39 -15.79
CA ALA C 279 -16.49 -2.28 -16.01
C ALA C 279 -15.73 -3.21 -15.08
N LEU C 280 -16.20 -3.35 -13.83
CA LEU C 280 -15.53 -4.22 -12.87
C LEU C 280 -15.67 -5.69 -13.22
N VAL C 281 -16.77 -6.10 -13.84
CA VAL C 281 -16.97 -7.54 -14.03
C VAL C 281 -16.19 -8.06 -15.23
N GLN C 282 -16.03 -7.24 -16.27
CA GLN C 282 -15.47 -7.71 -17.54
C GLN C 282 -14.12 -8.42 -17.41
N PRO C 283 -13.17 -7.98 -16.58
CA PRO C 283 -11.91 -8.73 -16.45
C PRO C 283 -11.97 -9.97 -15.56
N LEU C 284 -13.10 -10.30 -14.92
CA LEU C 284 -13.17 -11.46 -14.03
C LEU C 284 -14.08 -12.56 -14.54
N THR C 285 -14.50 -12.50 -15.81
CA THR C 285 -15.59 -13.32 -16.33
C THR C 285 -15.35 -14.83 -16.27
N LYS C 286 -14.12 -15.29 -15.99
CA LYS C 286 -13.81 -16.70 -16.21
C LYS C 286 -14.53 -17.62 -15.24
N ASN C 287 -14.86 -17.17 -14.03
CA ASN C 287 -15.33 -18.06 -12.97
C ASN C 287 -16.71 -17.63 -12.45
N GLY C 288 -17.17 -18.30 -11.40
CA GLY C 288 -18.52 -18.03 -10.91
C GLY C 288 -18.66 -16.70 -10.22
N TYR C 289 -17.59 -16.18 -9.64
CA TYR C 289 -17.68 -14.87 -8.98
C TYR C 289 -18.04 -13.80 -10.00
N GLY C 290 -17.32 -13.75 -11.13
CA GLY C 290 -17.64 -12.77 -12.15
C GLY C 290 -18.99 -13.04 -12.81
N GLN C 291 -19.29 -14.30 -13.12
CA GLN C 291 -20.57 -14.58 -13.76
C GLN C 291 -21.74 -14.26 -12.84
N TYR C 292 -21.55 -14.39 -11.52
CA TYR C 292 -22.61 -13.97 -10.60
C TYR C 292 -22.91 -12.50 -10.78
N LEU C 293 -21.87 -11.65 -10.74
CA LEU C 293 -22.07 -10.23 -11.00
C LEU C 293 -22.67 -10.02 -12.37
N MET C 294 -22.37 -10.91 -13.31
CA MET C 294 -22.99 -10.81 -14.63
C MET C 294 -24.51 -11.02 -14.52
N GLN C 295 -24.91 -12.08 -13.83
CA GLN C 295 -26.33 -12.43 -13.76
C GLN C 295 -27.17 -11.35 -13.06
N ILE C 296 -26.64 -10.71 -12.02
CA ILE C 296 -27.46 -9.74 -11.32
C ILE C 296 -27.56 -8.41 -12.06
N LEU C 297 -26.60 -8.09 -12.93
CA LEU C 297 -26.72 -6.86 -13.71
C LEU C 297 -27.79 -7.02 -14.80
N LYS C 298 -28.06 -8.25 -15.24
CA LYS C 298 -29.09 -8.48 -16.25
C LYS C 298 -30.38 -9.03 -15.64
N THR D 10 20.30 -41.99 -5.67
CA THR D 10 19.34 -41.21 -6.46
C THR D 10 19.95 -39.87 -6.91
N GLN D 11 20.40 -39.85 -8.16
CA GLN D 11 20.96 -38.68 -8.82
C GLN D 11 19.92 -37.70 -9.38
N ARG D 12 18.63 -38.00 -9.29
CA ARG D 12 17.62 -37.17 -9.96
C ARG D 12 17.36 -35.87 -9.22
N LYS D 13 17.12 -34.80 -9.98
CA LYS D 13 16.85 -33.48 -9.42
C LYS D 13 15.51 -32.99 -9.94
N GLY D 14 14.75 -32.31 -9.07
CA GLY D 14 13.36 -32.00 -9.34
C GLY D 14 13.10 -30.52 -9.56
N ILE D 15 12.08 -30.22 -10.36
CA ILE D 15 11.59 -28.87 -10.60
C ILE D 15 10.12 -28.81 -10.24
N ILE D 16 9.73 -27.79 -9.48
CA ILE D 16 8.33 -27.46 -9.28
C ILE D 16 8.03 -26.22 -10.12
N LEU D 17 7.05 -26.34 -11.00
CA LEU D 17 6.61 -25.23 -11.83
C LEU D 17 5.37 -24.63 -11.18
N ALA D 18 5.54 -23.46 -10.57
CA ALA D 18 4.46 -22.77 -9.89
C ALA D 18 4.23 -21.35 -10.40
N GLY D 19 3.87 -21.18 -11.67
CA GLY D 19 3.64 -19.88 -12.27
C GLY D 19 2.16 -19.53 -12.35
N GLY D 20 1.82 -18.73 -13.38
CA GLY D 20 0.56 -18.02 -13.47
C GLY D 20 -0.70 -18.83 -13.21
N SER D 21 -1.48 -18.38 -12.22
CA SER D 21 -2.75 -19.04 -11.89
C SER D 21 -3.84 -18.74 -12.90
N GLY D 22 -3.89 -17.54 -13.45
CA GLY D 22 -5.12 -17.34 -14.19
C GLY D 22 -6.24 -16.83 -13.29
N THR D 23 -7.12 -16.02 -13.89
CA THR D 23 -8.26 -15.47 -13.16
C THR D 23 -9.25 -16.52 -12.67
N ARG D 24 -8.94 -17.82 -12.81
CA ARG D 24 -9.93 -18.85 -12.51
C ARG D 24 -10.26 -18.91 -11.02
N LEU D 25 -9.29 -18.63 -10.16
CA LEU D 25 -9.49 -18.61 -8.72
C LEU D 25 -9.62 -17.20 -8.16
N HIS D 26 -9.68 -16.17 -9.01
CA HIS D 26 -9.95 -14.82 -8.52
C HIS D 26 -11.32 -14.82 -7.86
N PRO D 27 -11.54 -13.97 -6.84
CA PRO D 27 -10.58 -12.99 -6.32
C PRO D 27 -9.62 -13.50 -5.28
N ALA D 28 -9.79 -14.76 -4.86
CA ALA D 28 -8.85 -15.36 -3.91
C ALA D 28 -7.41 -15.19 -4.39
N THR D 29 -7.16 -15.34 -5.68
CA THR D 29 -5.80 -15.26 -6.20
C THR D 29 -5.36 -13.86 -6.63
N LEU D 30 -6.21 -12.84 -6.50
CA LEU D 30 -5.72 -11.47 -6.56
C LEU D 30 -4.75 -11.23 -5.43
N ALA D 31 -5.05 -11.80 -4.25
CA ALA D 31 -4.27 -11.58 -3.04
C ALA D 31 -2.97 -12.37 -3.08
N ILE D 32 -3.05 -13.66 -3.40
CA ILE D 32 -1.91 -14.56 -3.30
C ILE D 32 -1.85 -15.41 -4.56
N SER D 33 -0.66 -15.86 -4.90
CA SER D 33 -0.60 -16.79 -5.99
C SER D 33 -1.18 -18.15 -5.55
N LYS D 34 -1.72 -18.88 -6.51
CA LYS D 34 -2.48 -20.09 -6.22
C LYS D 34 -1.68 -21.07 -5.38
N GLN D 35 -0.38 -21.21 -5.67
CA GLN D 35 0.39 -22.26 -5.02
C GLN D 35 0.81 -21.90 -3.61
N LEU D 36 0.48 -20.70 -3.15
CA LEU D 36 0.63 -20.36 -1.75
C LEU D 36 -0.68 -20.47 -0.96
N LEU D 37 -1.80 -20.74 -1.63
CA LEU D 37 -3.05 -20.96 -0.92
C LEU D 37 -2.95 -22.22 -0.06
N PRO D 38 -3.67 -22.27 1.05
CA PRO D 38 -3.68 -23.51 1.85
C PRO D 38 -4.57 -24.55 1.20
N VAL D 39 -4.08 -25.78 1.17
CA VAL D 39 -4.93 -26.97 0.99
C VAL D 39 -5.00 -27.62 2.36
N TYR D 40 -6.14 -27.41 3.04
CA TYR D 40 -6.36 -27.67 4.46
C TYR D 40 -5.40 -26.88 5.35
N ASP D 41 -4.41 -27.51 5.96
CA ASP D 41 -3.61 -26.79 6.93
C ASP D 41 -2.26 -26.34 6.39
N LYS D 42 -1.93 -26.63 5.14
CA LYS D 42 -0.58 -26.36 4.67
C LYS D 42 -0.61 -25.74 3.28
N PRO D 43 0.40 -24.93 2.94
CA PRO D 43 0.41 -24.28 1.62
C PRO D 43 0.42 -25.31 0.50
N MET D 44 -0.30 -25.00 -0.58
CA MET D 44 -0.42 -25.92 -1.70
C MET D 44 0.91 -26.50 -2.14
N ILE D 45 1.98 -25.68 -2.10
CA ILE D 45 3.27 -26.08 -2.65
C ILE D 45 3.88 -27.25 -1.88
N TYR D 46 3.56 -27.37 -0.58
CA TYR D 46 4.04 -28.54 0.19
C TYR D 46 3.65 -29.87 -0.47
N TYR D 47 2.49 -29.93 -1.14
CA TYR D 47 2.06 -31.22 -1.69
C TYR D 47 2.92 -31.70 -2.85
N PRO D 48 3.10 -30.94 -3.94
CA PRO D 48 4.06 -31.39 -4.97
C PRO D 48 5.50 -31.47 -4.46
N LEU D 49 5.89 -30.59 -3.53
CA LEU D 49 7.22 -30.69 -2.94
C LEU D 49 7.39 -32.02 -2.22
N SER D 50 6.44 -32.39 -1.36
CA SER D 50 6.55 -33.68 -0.67
C SER D 50 6.50 -34.85 -1.66
N THR D 51 5.79 -34.68 -2.77
CA THR D 51 5.84 -35.70 -3.81
C THR D 51 7.27 -35.89 -4.33
N LEU D 52 7.97 -34.79 -4.66
CA LEU D 52 9.37 -34.94 -5.08
C LEU D 52 10.20 -35.55 -3.94
N MET D 53 9.93 -35.13 -2.69
CA MET D 53 10.67 -35.69 -1.57
C MET D 53 10.42 -37.20 -1.46
N LEU D 54 9.16 -37.62 -1.55
CA LEU D 54 8.86 -39.05 -1.49
C LEU D 54 9.59 -39.83 -2.58
N ALA D 55 9.82 -39.22 -3.74
CA ALA D 55 10.64 -39.91 -4.74
C ALA D 55 12.12 -39.97 -4.38
N GLY D 56 12.55 -39.28 -3.32
CA GLY D 56 13.95 -39.31 -2.94
C GLY D 56 14.77 -38.10 -3.37
N MET D 57 14.17 -37.13 -4.04
CA MET D 57 14.91 -35.98 -4.54
C MET D 57 15.11 -34.96 -3.43
N ARG D 58 16.38 -34.56 -3.23
CA ARG D 58 16.75 -33.54 -2.25
C ARG D 58 17.09 -32.20 -2.88
N ASP D 59 17.32 -32.13 -4.19
CA ASP D 59 17.56 -30.87 -4.87
C ASP D 59 16.31 -30.50 -5.65
N VAL D 60 15.70 -29.37 -5.31
CA VAL D 60 14.46 -28.95 -5.95
C VAL D 60 14.59 -27.49 -6.35
N LEU D 61 14.29 -27.19 -7.60
CA LEU D 61 14.21 -25.84 -8.12
C LEU D 61 12.74 -25.43 -8.21
N VAL D 62 12.39 -24.34 -7.56
CA VAL D 62 11.05 -23.78 -7.58
C VAL D 62 11.04 -22.64 -8.59
N ILE D 63 10.23 -22.79 -9.63
CA ILE D 63 10.08 -21.77 -10.67
C ILE D 63 8.73 -21.10 -10.50
N SER D 64 8.72 -19.77 -10.43
CA SER D 64 7.47 -19.04 -10.30
C SER D 64 7.56 -17.72 -11.03
N THR D 65 6.60 -16.85 -10.76
CA THR D 65 6.51 -15.54 -11.38
C THR D 65 7.49 -14.60 -10.69
N PRO D 66 7.87 -13.51 -11.35
CA PRO D 66 8.67 -12.50 -10.65
C PRO D 66 8.03 -12.03 -9.35
N GLN D 67 6.73 -11.78 -9.37
CA GLN D 67 6.10 -11.22 -8.18
C GLN D 67 6.02 -12.23 -7.03
N ASP D 68 5.89 -13.52 -7.34
CA ASP D 68 5.61 -14.51 -6.30
C ASP D 68 6.83 -15.30 -5.85
N THR D 69 7.81 -15.50 -6.74
CA THR D 69 9.01 -16.24 -6.36
C THR D 69 9.65 -15.78 -5.05
N PRO D 70 9.71 -14.49 -4.72
CA PRO D 70 10.22 -14.13 -3.38
C PRO D 70 9.34 -14.64 -2.24
N ARG D 71 8.03 -14.72 -2.44
CA ARG D 71 7.18 -15.27 -1.38
C ARG D 71 7.49 -16.74 -1.14
N PHE D 72 7.75 -17.51 -2.20
CA PHE D 72 8.14 -18.91 -2.04
C PHE D 72 9.46 -19.05 -1.31
N GLN D 73 10.41 -18.16 -1.62
CA GLN D 73 11.70 -18.11 -0.91
C GLN D 73 11.50 -17.88 0.58
N GLN D 74 10.58 -16.98 0.95
CA GLN D 74 10.30 -16.75 2.36
C GLN D 74 9.69 -17.99 3.01
N LEU D 75 8.80 -18.70 2.30
CA LEU D 75 8.14 -19.83 2.92
C LEU D 75 9.11 -20.98 3.16
N LEU D 76 9.91 -21.31 2.15
CA LEU D 76 10.73 -22.51 2.15
C LEU D 76 12.20 -22.26 2.47
N GLY D 77 12.70 -21.05 2.25
CA GLY D 77 14.11 -20.84 2.44
C GLY D 77 14.93 -21.63 1.44
N ASP D 78 16.11 -22.05 1.87
CA ASP D 78 16.99 -22.83 1.03
C ASP D 78 16.80 -24.33 1.21
N GLY D 79 15.86 -24.73 2.09
CA GLY D 79 15.55 -26.13 2.29
C GLY D 79 16.47 -26.90 3.22
N SER D 80 17.51 -26.29 3.76
CA SER D 80 18.43 -27.05 4.61
C SER D 80 17.77 -27.56 5.90
N GLN D 81 16.70 -26.89 6.37
CA GLN D 81 15.96 -27.36 7.54
C GLN D 81 15.39 -28.75 7.32
N TRP D 82 15.26 -29.18 6.07
CA TRP D 82 14.78 -30.51 5.75
C TRP D 82 15.88 -31.38 5.12
N GLY D 83 17.14 -30.97 5.26
CA GLY D 83 18.23 -31.67 4.60
C GLY D 83 18.17 -31.58 3.09
N MET D 84 17.60 -30.51 2.55
CA MET D 84 17.40 -30.37 1.12
C MET D 84 18.14 -29.13 0.61
N ASN D 85 18.38 -29.13 -0.69
CA ASN D 85 18.86 -27.94 -1.41
C ASN D 85 17.71 -27.39 -2.26
N LEU D 86 17.11 -26.29 -1.81
CA LEU D 86 16.08 -25.63 -2.59
C LEU D 86 16.69 -24.43 -3.29
N GLN D 87 16.47 -24.33 -4.60
CA GLN D 87 16.92 -23.25 -5.45
C GLN D 87 15.70 -22.62 -6.11
N TYR D 88 15.85 -21.40 -6.56
CA TYR D 88 14.71 -20.63 -7.05
C TYR D 88 15.04 -20.01 -8.40
N ALA D 89 14.05 -19.98 -9.28
CA ALA D 89 14.15 -19.30 -10.55
C ALA D 89 12.80 -18.70 -10.90
N VAL D 90 12.80 -17.85 -11.92
CA VAL D 90 11.68 -16.98 -12.25
C VAL D 90 11.25 -17.25 -13.68
N GLN D 91 9.95 -17.46 -13.88
CA GLN D 91 9.44 -17.52 -15.23
C GLN D 91 8.84 -16.17 -15.58
N PRO D 92 9.49 -15.38 -16.44
CA PRO D 92 9.00 -14.01 -16.70
C PRO D 92 7.59 -13.97 -17.28
N SER D 93 7.20 -14.93 -18.11
CA SER D 93 5.85 -15.01 -18.65
C SER D 93 5.50 -16.47 -18.80
N PRO D 94 4.30 -16.83 -18.59
CA PRO D 94 3.92 -18.27 -18.62
C PRO D 94 3.82 -18.82 -20.04
N ASP D 95 4.97 -19.05 -20.66
CA ASP D 95 5.05 -19.43 -22.06
C ASP D 95 5.07 -20.93 -22.32
N GLY D 96 4.81 -21.76 -21.31
CA GLY D 96 4.73 -23.20 -21.50
C GLY D 96 5.48 -24.02 -20.46
N LEU D 97 4.97 -25.23 -20.19
CA LEU D 97 5.62 -26.13 -19.23
C LEU D 97 7.03 -26.51 -19.64
N ALA D 98 7.29 -26.66 -20.94
CA ALA D 98 8.63 -27.05 -21.39
C ALA D 98 9.68 -26.00 -21.05
N GLN D 99 9.26 -24.74 -20.90
CA GLN D 99 10.19 -23.69 -20.48
C GLN D 99 10.88 -24.03 -19.18
N ALA D 100 10.25 -24.87 -18.35
CA ALA D 100 10.84 -25.22 -17.05
C ALA D 100 12.22 -25.82 -17.21
N PHE D 101 12.43 -26.60 -18.27
CA PHE D 101 13.74 -27.20 -18.48
C PHE D 101 14.71 -26.22 -19.12
N ILE D 102 14.19 -25.21 -19.83
CA ILE D 102 15.08 -24.19 -20.36
C ILE D 102 15.53 -23.26 -19.24
N ILE D 103 14.59 -22.80 -18.42
CA ILE D 103 14.98 -22.05 -17.22
C ILE D 103 15.88 -22.90 -16.32
N GLY D 104 15.59 -24.20 -16.21
CA GLY D 104 16.33 -25.04 -15.29
C GLY D 104 17.59 -25.71 -15.80
N GLU D 105 18.10 -25.26 -16.94
CA GLU D 105 19.20 -25.98 -17.59
C GLU D 105 20.43 -26.10 -16.70
N GLN D 106 20.84 -25.01 -16.04
CA GLN D 106 22.05 -25.11 -15.22
C GLN D 106 21.79 -25.96 -13.99
N PHE D 107 20.64 -25.78 -13.35
CA PHE D 107 20.33 -26.56 -12.17
C PHE D 107 20.34 -28.05 -12.46
N ILE D 108 19.83 -28.45 -13.63
CA ILE D 108 19.77 -29.88 -13.96
C ILE D 108 21.17 -30.44 -14.20
N GLY D 109 22.04 -29.68 -14.89
CA GLY D 109 23.34 -30.23 -15.22
C GLY D 109 23.20 -31.45 -16.12
N ASN D 110 23.97 -32.49 -15.82
CA ASN D 110 23.88 -33.77 -16.53
C ASN D 110 23.17 -34.82 -15.69
N ALA D 111 22.17 -34.42 -14.97
CA ALA D 111 21.41 -35.27 -14.10
C ALA D 111 20.07 -35.64 -14.71
N PRO D 112 19.49 -36.78 -14.32
CA PRO D 112 18.08 -37.01 -14.61
C PRO D 112 17.23 -36.03 -13.80
N SER D 113 16.04 -35.76 -14.30
CA SER D 113 15.21 -34.73 -13.70
C SER D 113 13.78 -35.22 -13.51
N ALA D 114 13.00 -34.35 -12.88
CA ALA D 114 11.59 -34.55 -12.66
C ALA D 114 10.93 -33.17 -12.64
N LEU D 115 9.74 -33.08 -13.20
CA LEU D 115 8.92 -31.88 -13.21
C LEU D 115 7.56 -32.21 -12.59
N VAL D 116 7.15 -31.40 -11.63
CA VAL D 116 5.83 -31.51 -11.06
C VAL D 116 5.18 -30.14 -11.12
N LEU D 117 3.89 -30.14 -11.42
CA LEU D 117 3.14 -28.90 -11.39
C LEU D 117 2.83 -28.54 -9.93
N GLY D 118 2.97 -27.25 -9.61
CA GLY D 118 2.84 -26.74 -8.25
C GLY D 118 1.45 -26.85 -7.65
N ASP D 119 0.45 -27.21 -8.44
CA ASP D 119 -0.90 -27.39 -7.92
C ASP D 119 -1.39 -28.83 -8.06
N ASN D 120 -0.50 -29.79 -8.21
CA ASN D 120 -0.90 -31.19 -8.30
C ASN D 120 -0.76 -31.85 -6.93
N ILE D 121 -1.85 -32.47 -6.46
CA ILE D 121 -1.91 -33.13 -5.16
C ILE D 121 -2.22 -34.61 -5.37
N TYR D 122 -1.27 -35.47 -4.99
CA TYR D 122 -1.44 -36.91 -5.08
C TYR D 122 -1.50 -37.50 -3.66
N TYR D 123 -2.24 -38.60 -3.52
CA TYR D 123 -2.10 -39.41 -2.32
C TYR D 123 -2.44 -40.87 -2.63
N GLY D 124 -1.60 -41.78 -2.13
CA GLY D 124 -1.90 -43.19 -2.23
C GLY D 124 -1.01 -44.01 -1.34
N HIS D 125 -1.57 -45.07 -0.74
CA HIS D 125 -0.79 -45.91 0.18
C HIS D 125 0.45 -46.45 -0.50
N ASP D 126 0.39 -46.73 -1.79
CA ASP D 126 1.53 -47.26 -2.51
C ASP D 126 2.24 -46.18 -3.34
N PHE D 127 2.00 -44.92 -3.03
CA PHE D 127 2.52 -43.86 -3.92
C PHE D 127 4.05 -43.85 -3.96
N GLN D 128 4.71 -43.96 -2.79
CA GLN D 128 6.17 -43.91 -2.77
C GLN D 128 6.83 -45.04 -3.54
N PRO D 129 6.46 -46.33 -3.37
CA PRO D 129 7.08 -47.35 -4.24
C PRO D 129 6.84 -47.07 -5.71
N LEU D 130 5.70 -46.50 -6.05
CA LEU D 130 5.43 -46.14 -7.44
C LEU D 130 6.40 -45.07 -7.91
N LEU D 131 6.62 -44.05 -7.08
CA LEU D 131 7.62 -43.02 -7.39
C LEU D 131 9.00 -43.64 -7.52
N LYS D 132 9.39 -44.49 -6.57
CA LYS D 132 10.73 -45.07 -6.64
C LYS D 132 10.91 -45.87 -7.92
N ALA D 133 9.87 -46.58 -8.37
CA ALA D 133 9.99 -47.36 -9.60
C ALA D 133 10.24 -46.46 -10.79
N ALA D 134 9.54 -45.33 -10.85
CA ALA D 134 9.80 -44.38 -11.92
C ALA D 134 11.22 -43.87 -11.86
N ASP D 135 11.70 -43.54 -10.64
CA ASP D 135 13.06 -43.04 -10.46
C ASP D 135 14.09 -44.05 -10.92
N ALA D 136 13.78 -45.35 -10.81
CA ALA D 136 14.70 -46.42 -11.13
C ALA D 136 14.86 -46.67 -12.63
N GLN D 137 14.01 -46.07 -13.47
CA GLN D 137 14.16 -46.25 -14.91
C GLN D 137 15.53 -45.77 -15.38
N SER D 138 16.23 -46.63 -16.11
CA SER D 138 17.57 -46.29 -16.54
C SER D 138 17.55 -45.20 -17.60
N SER D 139 16.51 -45.18 -18.43
CA SER D 139 16.47 -44.27 -19.57
C SER D 139 15.02 -43.91 -19.87
N GLY D 140 14.85 -42.95 -20.77
CA GLY D 140 13.53 -42.60 -21.23
C GLY D 140 12.81 -41.68 -20.25
N ALA D 141 11.48 -41.75 -20.30
CA ALA D 141 10.63 -40.85 -19.55
C ALA D 141 9.48 -41.64 -18.96
N THR D 142 8.86 -41.08 -17.91
CA THR D 142 7.68 -41.64 -17.29
C THR D 142 6.63 -40.56 -17.06
N VAL D 143 5.39 -40.82 -17.48
CA VAL D 143 4.22 -40.02 -17.12
C VAL D 143 3.43 -40.81 -16.10
N PHE D 144 2.58 -40.09 -15.36
CA PHE D 144 1.74 -40.71 -14.34
C PHE D 144 0.31 -40.51 -14.78
N ALA D 145 -0.36 -41.62 -15.02
CA ALA D 145 -1.71 -41.64 -15.56
C ALA D 145 -2.69 -41.95 -14.44
N TYR D 146 -3.82 -41.27 -14.46
CA TYR D 146 -4.81 -41.43 -13.42
C TYR D 146 -6.13 -41.83 -14.06
N HIS D 147 -6.71 -42.94 -13.60
CA HIS D 147 -7.97 -43.40 -14.18
C HIS D 147 -9.08 -42.45 -13.78
N VAL D 148 -9.80 -41.95 -14.77
CA VAL D 148 -10.96 -41.09 -14.57
C VAL D 148 -12.12 -41.72 -15.33
N HIS D 149 -13.33 -41.38 -14.88
CA HIS D 149 -14.53 -41.81 -15.58
C HIS D 149 -14.88 -40.88 -16.74
N ASP D 150 -14.17 -39.76 -16.87
CA ASP D 150 -14.48 -38.73 -17.86
C ASP D 150 -13.20 -38.28 -18.55
N PRO D 151 -12.55 -39.18 -19.31
CA PRO D 151 -11.25 -38.83 -19.91
C PRO D 151 -11.30 -37.67 -20.89
N GLU D 152 -12.46 -37.39 -21.48
CA GLU D 152 -12.56 -36.36 -22.50
C GLU D 152 -12.19 -34.97 -22.00
N ARG D 153 -12.13 -34.76 -20.68
CA ARG D 153 -11.80 -33.43 -20.16
C ARG D 153 -10.32 -33.20 -19.96
N TYR D 154 -9.48 -34.23 -20.12
CA TYR D 154 -8.07 -34.14 -19.77
C TYR D 154 -7.20 -34.47 -20.99
N GLY D 155 -5.88 -34.37 -20.79
CA GLY D 155 -4.95 -34.96 -21.74
C GLY D 155 -4.88 -36.45 -21.48
N VAL D 156 -5.05 -37.25 -22.54
CA VAL D 156 -5.33 -38.68 -22.46
C VAL D 156 -4.15 -39.46 -23.01
N VAL D 157 -3.72 -40.49 -22.29
CA VAL D 157 -2.58 -41.31 -22.72
C VAL D 157 -3.09 -42.71 -23.02
N GLN D 158 -2.73 -43.21 -24.18
CA GLN D 158 -2.98 -44.57 -24.59
C GLN D 158 -1.65 -45.30 -24.63
N PHE D 159 -1.60 -46.45 -23.95
CA PHE D 159 -0.34 -47.16 -23.79
C PHE D 159 -0.57 -48.64 -24.02
N ASN D 160 0.51 -49.35 -24.39
CA ASN D 160 0.39 -50.76 -24.67
C ASN D 160 0.43 -51.52 -23.34
N ALA D 161 0.46 -52.84 -23.41
CA ALA D 161 0.48 -53.66 -22.21
C ALA D 161 1.83 -53.65 -21.50
N GLN D 162 2.88 -53.20 -22.17
CA GLN D 162 4.21 -53.12 -21.55
C GLN D 162 4.42 -51.82 -20.77
N GLY D 163 3.40 -50.98 -20.64
CA GLY D 163 3.56 -49.69 -20.02
C GLY D 163 4.10 -48.60 -20.91
N GLN D 164 4.10 -48.80 -22.22
CA GLN D 164 4.70 -47.87 -23.16
C GLN D 164 3.64 -47.04 -23.86
N ALA D 165 3.80 -45.72 -23.82
CA ALA D 165 2.82 -44.82 -24.42
C ALA D 165 2.88 -44.88 -25.93
N VAL D 166 1.71 -44.92 -26.56
CA VAL D 166 1.62 -44.89 -28.01
C VAL D 166 0.90 -43.66 -28.53
N SER D 167 0.07 -43.01 -27.73
CA SER D 167 -0.53 -41.76 -28.17
C SER D 167 -0.88 -40.92 -26.95
N ILE D 168 -0.93 -39.61 -27.17
CA ILE D 168 -1.38 -38.65 -26.15
C ILE D 168 -2.19 -37.58 -26.86
N GLU D 169 -3.46 -37.44 -26.45
CA GLU D 169 -4.41 -36.56 -27.10
C GLU D 169 -5.04 -35.64 -26.04
N GLU D 170 -5.14 -34.35 -26.37
CA GLU D 170 -5.68 -33.35 -25.45
C GLU D 170 -7.18 -33.24 -25.63
N LYS D 171 -7.92 -33.55 -24.58
CA LYS D 171 -9.39 -33.55 -24.52
C LYS D 171 -10.02 -34.20 -25.77
N PRO D 172 -9.75 -35.47 -26.03
CA PRO D 172 -10.24 -36.11 -27.26
C PRO D 172 -11.73 -36.42 -27.16
N LYS D 173 -12.48 -36.05 -28.21
CA LYS D 173 -13.90 -36.32 -28.22
C LYS D 173 -14.19 -37.82 -28.34
N ALA D 174 -13.22 -38.58 -28.85
CA ALA D 174 -13.24 -40.04 -28.83
C ALA D 174 -11.97 -40.49 -28.11
N PRO D 175 -11.92 -40.35 -26.79
CA PRO D 175 -10.69 -40.66 -26.06
C PRO D 175 -10.32 -42.13 -26.22
N LYS D 176 -9.04 -42.38 -26.43
CA LYS D 176 -8.57 -43.73 -26.68
C LYS D 176 -8.35 -44.52 -25.39
N SER D 177 -8.53 -43.89 -24.24
CA SER D 177 -8.38 -44.59 -22.97
C SER D 177 -9.09 -43.76 -21.91
N ASN D 178 -9.06 -44.23 -20.67
CA ASN D 178 -9.61 -43.51 -19.53
C ASN D 178 -8.53 -42.92 -18.63
N TYR D 179 -7.30 -42.83 -19.12
CA TYR D 179 -6.19 -42.43 -18.29
C TYR D 179 -5.76 -41.01 -18.60
N ALA D 180 -5.96 -40.13 -17.61
CA ALA D 180 -5.55 -38.74 -17.75
C ALA D 180 -4.08 -38.59 -17.39
N VAL D 181 -3.38 -37.79 -18.18
CA VAL D 181 -1.98 -37.48 -17.87
C VAL D 181 -1.95 -36.43 -16.76
N THR D 182 -1.31 -36.77 -15.65
CA THR D 182 -1.25 -35.84 -14.53
C THR D 182 0.03 -35.00 -14.64
N GLY D 183 0.16 -34.05 -13.71
CA GLY D 183 1.26 -33.12 -13.77
C GLY D 183 2.50 -33.57 -13.04
N LEU D 184 2.99 -34.78 -13.36
CA LEU D 184 4.22 -35.31 -12.78
C LEU D 184 4.95 -36.08 -13.88
N TYR D 185 6.22 -35.72 -14.11
CA TYR D 185 6.98 -36.21 -15.25
C TYR D 185 8.42 -36.49 -14.82
N PHE D 186 8.93 -37.66 -15.20
CA PHE D 186 10.32 -38.06 -14.98
C PHE D 186 11.05 -38.15 -16.29
N TYR D 187 12.31 -37.70 -16.31
CA TYR D 187 13.07 -37.62 -17.54
C TYR D 187 14.53 -38.01 -17.31
N ASP D 188 15.14 -38.57 -18.36
CA ASP D 188 16.57 -38.80 -18.37
C ASP D 188 17.27 -37.51 -18.80
N GLN D 189 18.49 -37.64 -19.30
CA GLN D 189 19.31 -36.49 -19.64
C GLN D 189 18.95 -35.88 -20.99
N GLN D 190 17.97 -36.42 -21.72
CA GLN D 190 17.67 -35.89 -23.04
C GLN D 190 16.75 -34.68 -23.02
N VAL D 191 16.09 -34.41 -21.90
CA VAL D 191 14.91 -33.54 -21.93
C VAL D 191 15.30 -32.08 -22.18
N VAL D 192 16.43 -31.63 -21.63
CA VAL D 192 16.80 -30.23 -21.77
C VAL D 192 16.95 -29.86 -23.24
N ASP D 193 17.72 -30.66 -23.99
CA ASP D 193 17.90 -30.38 -25.40
C ASP D 193 16.61 -30.59 -26.17
N ILE D 194 15.80 -31.55 -25.78
CA ILE D 194 14.51 -31.74 -26.43
C ILE D 194 13.65 -30.51 -26.23
N ALA D 195 13.55 -30.04 -24.98
CA ALA D 195 12.72 -28.89 -24.67
C ALA D 195 13.19 -27.65 -25.44
N LYS D 196 14.52 -27.48 -25.55
CA LYS D 196 15.07 -26.34 -26.26
C LYS D 196 14.66 -26.33 -27.73
N ALA D 197 14.39 -27.49 -28.30
CA ALA D 197 13.97 -27.60 -29.69
C ALA D 197 12.46 -27.60 -29.84
N VAL D 198 11.71 -27.49 -28.74
CA VAL D 198 10.27 -27.54 -28.81
C VAL D 198 9.74 -26.32 -29.55
N LYS D 199 8.88 -26.56 -30.49
CA LYS D 199 8.28 -25.41 -31.14
C LYS D 199 6.98 -25.04 -30.44
N PRO D 200 6.63 -23.75 -30.47
CA PRO D 200 5.41 -23.31 -29.78
C PRO D 200 4.14 -23.87 -30.39
N SER D 201 3.12 -24.02 -29.54
CA SER D 201 1.83 -24.46 -30.04
C SER D 201 1.11 -23.30 -30.73
N ALA D 202 -0.08 -23.58 -31.25
CA ALA D 202 -0.92 -22.51 -31.78
C ALA D 202 -1.28 -21.52 -30.68
N ARG D 203 -1.54 -22.01 -29.47
CA ARG D 203 -1.80 -21.15 -28.34
C ARG D 203 -0.58 -20.33 -27.93
N GLY D 204 0.57 -20.53 -28.58
CA GLY D 204 1.78 -19.80 -28.25
C GLY D 204 2.64 -20.40 -27.17
N GLU D 205 2.32 -21.59 -26.69
CA GLU D 205 3.03 -22.18 -25.57
C GLU D 205 4.02 -23.25 -26.03
N LEU D 206 5.13 -23.34 -25.31
CA LEU D 206 6.08 -24.43 -25.49
C LEU D 206 5.56 -25.58 -24.63
N GLU D 207 4.76 -26.45 -25.26
CA GLU D 207 3.98 -27.41 -24.52
C GLU D 207 4.84 -28.62 -24.12
N ILE D 208 4.56 -29.15 -22.93
CA ILE D 208 5.24 -30.36 -22.45
C ILE D 208 4.83 -31.58 -23.27
N THR D 209 3.63 -31.58 -23.84
CA THR D 209 3.22 -32.71 -24.67
C THR D 209 4.18 -32.91 -25.82
N SER D 210 4.74 -31.81 -26.37
CA SER D 210 5.74 -31.92 -27.42
C SER D 210 6.97 -32.67 -26.92
N VAL D 211 7.45 -32.34 -25.70
CA VAL D 211 8.55 -33.10 -25.10
C VAL D 211 8.18 -34.57 -24.98
N ASN D 212 6.98 -34.84 -24.48
CA ASN D 212 6.55 -36.24 -24.32
C ASN D 212 6.39 -36.93 -25.67
N GLN D 213 5.97 -36.21 -26.71
CA GLN D 213 5.90 -36.81 -28.04
C GLN D 213 7.26 -37.32 -28.51
N ALA D 214 8.33 -36.54 -28.24
CA ALA D 214 9.66 -36.96 -28.67
C ALA D 214 10.07 -38.27 -28.00
N TYR D 215 9.87 -38.38 -26.70
CA TYR D 215 10.16 -39.64 -26.01
C TYR D 215 9.31 -40.78 -26.57
N MET D 216 8.04 -40.49 -26.87
CA MET D 216 7.13 -41.52 -27.37
C MET D 216 7.55 -42.02 -28.75
N GLN D 217 8.07 -41.13 -29.60
CA GLN D 217 8.56 -41.56 -30.90
C GLN D 217 9.81 -42.43 -30.75
N GLN D 218 10.58 -42.25 -29.68
CA GLN D 218 11.69 -43.15 -29.39
C GLN D 218 11.28 -44.43 -28.65
N GLY D 219 9.97 -44.66 -28.43
CA GLY D 219 9.56 -45.79 -27.64
C GLY D 219 10.10 -45.74 -26.22
N GLN D 220 10.29 -44.53 -25.70
CA GLN D 220 10.91 -44.33 -24.39
C GLN D 220 9.99 -43.56 -23.44
N LEU D 221 8.69 -43.53 -23.70
CA LEU D 221 7.73 -42.91 -22.82
C LEU D 221 6.98 -44.05 -22.15
N ASN D 222 7.23 -44.24 -20.86
CA ASN D 222 6.56 -45.23 -20.04
C ASN D 222 5.51 -44.58 -19.16
N VAL D 223 4.54 -45.39 -18.76
CA VAL D 223 3.37 -44.88 -18.03
C VAL D 223 3.27 -45.58 -16.69
N GLN D 224 3.23 -44.80 -15.61
CA GLN D 224 2.85 -45.31 -14.31
C GLN D 224 1.38 -45.03 -14.05
N THR D 225 0.66 -46.07 -13.66
CA THR D 225 -0.77 -46.05 -13.53
C THR D 225 -1.17 -45.88 -12.07
N MET D 226 -2.14 -45.01 -11.83
CA MET D 226 -2.70 -44.78 -10.50
C MET D 226 -4.18 -45.12 -10.49
N GLY D 227 -4.53 -46.31 -9.98
CA GLY D 227 -5.92 -46.73 -9.89
C GLY D 227 -6.48 -46.72 -8.48
N ARG D 228 -7.10 -47.84 -8.11
CA ARG D 228 -7.66 -48.04 -6.78
C ARG D 228 -6.67 -47.63 -5.71
N GLY D 229 -7.13 -46.80 -4.80
CA GLY D 229 -6.33 -46.35 -3.69
C GLY D 229 -5.71 -44.99 -3.90
N TYR D 230 -5.67 -44.49 -5.13
CA TYR D 230 -5.01 -43.21 -5.43
C TYR D 230 -6.01 -42.08 -5.50
N ALA D 231 -5.60 -40.93 -5.00
CA ALA D 231 -6.33 -39.68 -5.16
C ALA D 231 -5.48 -38.72 -5.97
N TRP D 232 -6.12 -38.00 -6.87
CA TRP D 232 -5.49 -36.92 -7.65
C TRP D 232 -6.48 -35.75 -7.65
N LEU D 233 -6.14 -34.68 -6.94
CA LEU D 233 -7.12 -33.66 -6.64
C LEU D 233 -7.08 -32.55 -7.67
N ASP D 234 -8.25 -32.20 -8.16
CA ASP D 234 -8.38 -31.02 -8.98
C ASP D 234 -8.32 -29.77 -8.10
N THR D 235 -7.31 -28.93 -8.32
CA THR D 235 -7.25 -27.61 -7.69
C THR D 235 -7.65 -26.50 -8.66
N GLY D 236 -8.40 -26.84 -9.70
CA GLY D 236 -8.66 -25.88 -10.77
C GLY D 236 -9.67 -24.81 -10.40
N THR D 237 -10.68 -25.16 -9.60
CA THR D 237 -11.79 -24.26 -9.31
C THR D 237 -11.92 -24.06 -7.80
N HIS D 238 -12.72 -23.09 -7.40
CA HIS D 238 -12.96 -22.94 -5.97
C HIS D 238 -13.64 -24.18 -5.40
N ASP D 239 -14.64 -24.73 -6.11
CA ASP D 239 -15.33 -25.92 -5.62
C ASP D 239 -14.36 -27.08 -5.46
N SER D 240 -13.50 -27.29 -6.47
CA SER D 240 -12.57 -28.42 -6.36
C SER D 240 -11.42 -28.14 -5.40
N LEU D 241 -10.98 -26.88 -5.24
CA LEU D 241 -9.99 -26.57 -4.19
C LEU D 241 -10.54 -26.90 -2.81
N LEU D 242 -11.80 -26.53 -2.57
CA LEU D 242 -12.46 -26.86 -1.32
C LEU D 242 -12.60 -28.36 -1.12
N ASP D 243 -12.97 -29.10 -2.18
CA ASP D 243 -13.04 -30.56 -2.05
C ASP D 243 -11.67 -31.16 -1.74
N ALA D 244 -10.61 -30.58 -2.31
CA ALA D 244 -9.26 -31.04 -1.98
C ALA D 244 -8.93 -30.82 -0.49
N SER D 245 -9.32 -29.66 0.06
CA SER D 245 -9.10 -29.43 1.48
C SER D 245 -9.91 -30.41 2.32
N GLN D 246 -11.18 -30.60 1.98
CA GLN D 246 -12.00 -31.55 2.71
C GLN D 246 -11.38 -32.94 2.66
N PHE D 247 -10.85 -33.32 1.49
CA PHE D 247 -10.21 -34.63 1.37
C PHE D 247 -9.06 -34.77 2.34
N ILE D 248 -8.12 -33.82 2.29
CA ILE D 248 -6.95 -33.89 3.17
C ILE D 248 -7.39 -33.90 4.63
N ALA D 249 -8.34 -33.02 4.99
CA ALA D 249 -8.80 -32.95 6.37
C ALA D 249 -9.43 -34.27 6.79
N THR D 250 -10.14 -34.92 5.87
CA THR D 250 -10.79 -36.19 6.18
C THR D 250 -9.76 -37.28 6.44
N LEU D 251 -8.77 -37.42 5.55
CA LEU D 251 -7.75 -38.44 5.77
C LEU D 251 -6.98 -38.19 7.04
N GLU D 252 -6.65 -36.94 7.33
CA GLU D 252 -5.76 -36.70 8.44
C GLU D 252 -6.47 -36.90 9.78
N ASN D 253 -7.75 -36.55 9.83
CA ASN D 253 -8.48 -36.66 11.08
C ASN D 253 -9.01 -38.08 11.32
N ARG D 254 -9.37 -38.82 10.29
CA ARG D 254 -9.92 -40.14 10.50
C ARG D 254 -8.85 -41.24 10.55
N GLN D 255 -7.76 -41.08 9.80
CA GLN D 255 -6.75 -42.11 9.71
C GLN D 255 -5.46 -41.77 10.44
N GLY D 256 -5.39 -40.64 11.15
CA GLY D 256 -4.13 -40.30 11.82
C GLY D 256 -2.96 -40.24 10.88
N LEU D 257 -3.16 -39.67 9.69
CA LEU D 257 -2.14 -39.56 8.68
C LEU D 257 -1.85 -38.09 8.41
N LYS D 258 -0.62 -37.80 8.01
CA LYS D 258 -0.30 -36.49 7.48
C LYS D 258 0.00 -36.67 6.00
N VAL D 259 -0.66 -35.88 5.18
CA VAL D 259 -0.36 -35.83 3.76
C VAL D 259 0.59 -34.65 3.55
N ALA D 260 1.70 -34.90 2.87
CA ALA D 260 2.62 -33.86 2.44
C ALA D 260 3.19 -33.09 3.63
N CYS D 261 3.78 -33.81 4.57
CA CYS D 261 4.46 -33.18 5.70
C CYS D 261 5.97 -33.30 5.52
N PRO D 262 6.65 -32.26 5.04
CA PRO D 262 8.09 -32.40 4.71
C PRO D 262 8.95 -32.73 5.91
N GLU D 263 8.64 -32.19 7.09
CA GLU D 263 9.42 -32.51 8.27
C GLU D 263 9.41 -34.01 8.52
N GLU D 264 8.23 -34.64 8.46
CA GLU D 264 8.14 -36.07 8.67
C GLU D 264 8.89 -36.84 7.59
N ILE D 265 8.71 -36.44 6.32
CA ILE D 265 9.36 -37.15 5.22
C ILE D 265 10.87 -37.07 5.33
N ALA D 266 11.40 -35.87 5.63
CA ALA D 266 12.84 -35.72 5.78
C ALA D 266 13.36 -36.61 6.90
N TRP D 267 12.65 -36.64 8.03
CA TRP D 267 13.06 -37.48 9.14
C TRP D 267 13.02 -38.95 8.74
N ARG D 268 11.83 -39.46 8.39
CA ARG D 268 11.69 -40.86 8.02
C ARG D 268 12.70 -41.28 6.94
N SER D 269 13.16 -40.34 6.12
CA SER D 269 14.13 -40.64 5.08
C SER D 269 15.57 -40.54 5.56
N GLY D 270 15.79 -40.13 6.80
CA GLY D 270 17.13 -39.98 7.31
C GLY D 270 17.82 -38.69 6.91
N TRP D 271 17.10 -37.75 6.33
CA TRP D 271 17.71 -36.50 5.93
C TRP D 271 17.92 -35.56 7.10
N ILE D 272 17.13 -35.72 8.16
CA ILE D 272 17.35 -35.03 9.43
C ILE D 272 17.24 -36.06 10.55
N ASN D 273 17.87 -35.74 11.68
CA ASN D 273 17.78 -36.59 12.86
C ASN D 273 16.66 -36.08 13.77
N ALA D 274 16.41 -36.83 14.85
CA ALA D 274 15.31 -36.49 15.76
C ALA D 274 15.56 -35.17 16.50
N SER D 275 16.82 -34.87 16.84
CA SER D 275 17.09 -33.60 17.50
C SER D 275 16.73 -32.43 16.59
N GLN D 276 17.17 -32.50 15.34
CA GLN D 276 16.81 -31.45 14.39
C GLN D 276 15.29 -31.36 14.23
N LEU D 277 14.62 -32.51 14.17
CA LEU D 277 13.16 -32.50 14.00
C LEU D 277 12.48 -31.91 15.23
N GLU D 278 12.96 -32.24 16.43
CA GLU D 278 12.40 -31.65 17.63
C GLU D 278 12.62 -30.14 17.62
N ALA D 279 13.77 -29.70 17.11
CA ALA D 279 14.06 -28.28 17.00
C ALA D 279 13.06 -27.57 16.09
N LEU D 280 12.68 -28.22 14.99
CA LEU D 280 11.66 -27.65 14.12
C LEU D 280 10.29 -27.67 14.79
N VAL D 281 10.05 -28.64 15.69
CA VAL D 281 8.72 -28.82 16.25
C VAL D 281 8.44 -27.80 17.35
N GLN D 282 9.46 -27.35 18.05
CA GLN D 282 9.26 -26.49 19.22
C GLN D 282 8.41 -25.24 18.95
N PRO D 283 8.61 -24.49 17.86
CA PRO D 283 7.76 -23.31 17.62
C PRO D 283 6.39 -23.61 17.00
N LEU D 284 6.05 -24.85 16.68
CA LEU D 284 4.78 -25.14 16.02
C LEU D 284 3.79 -25.89 16.91
N THR D 285 4.05 -25.96 18.23
CA THR D 285 3.30 -26.82 19.12
C THR D 285 1.83 -26.46 19.23
N LYS D 286 1.40 -25.27 18.75
CA LYS D 286 0.07 -24.76 19.08
C LYS D 286 -1.06 -25.55 18.42
N ASN D 287 -0.83 -26.16 17.27
CA ASN D 287 -1.92 -26.72 16.48
C ASN D 287 -1.67 -28.21 16.21
N GLY D 288 -2.54 -28.82 15.39
CA GLY D 288 -2.43 -30.24 15.15
C GLY D 288 -1.22 -30.62 14.34
N TYR D 289 -0.71 -29.70 13.50
CA TYR D 289 0.49 -29.99 12.70
C TYR D 289 1.68 -30.24 13.61
N GLY D 290 1.91 -29.36 14.57
CA GLY D 290 3.03 -29.55 15.49
C GLY D 290 2.84 -30.74 16.38
N GLN D 291 1.62 -30.96 16.87
CA GLN D 291 1.38 -32.09 17.77
C GLN D 291 1.51 -33.42 17.05
N TYR D 292 1.25 -33.47 15.74
CA TYR D 292 1.53 -34.70 15.00
C TYR D 292 3.03 -34.99 15.02
N LEU D 293 3.85 -34.00 14.62
CA LEU D 293 5.29 -34.20 14.65
C LEU D 293 5.79 -34.56 16.04
N MET D 294 5.15 -34.04 17.09
CA MET D 294 5.53 -34.44 18.43
C MET D 294 5.20 -35.90 18.69
N GLN D 295 3.99 -36.34 18.28
CA GLN D 295 3.58 -37.71 18.53
C GLN D 295 4.50 -38.71 17.83
N ILE D 296 4.99 -38.38 16.64
CA ILE D 296 5.86 -39.31 15.94
C ILE D 296 7.26 -39.32 16.54
N LEU D 297 7.63 -38.29 17.29
CA LEU D 297 8.90 -38.32 18.01
C LEU D 297 8.83 -39.27 19.21
N LYS D 298 7.65 -39.42 19.81
CA LYS D 298 7.45 -40.35 20.93
C LYS D 298 6.69 -41.59 20.44
O5' THM E . 16.21 15.48 12.33
C5' THM E . 15.22 14.82 13.09
C4' THM E . 14.26 14.09 12.17
O4' THM E . 14.32 12.52 12.53
C3' THM E . 13.03 14.52 12.31
O3' THM E . 12.50 15.15 11.06
C2' THM E . 12.14 13.30 12.62
C1' THM E . 13.09 12.09 12.69
N1 THM E . 12.95 11.36 13.97
C2 THM E . 12.34 10.02 13.93
O2 THM E . 11.98 9.59 12.88
N3 THM E . 12.17 9.21 15.17
C4 THM E . 12.63 9.73 16.44
O4 THM E . 12.50 9.05 17.42
C5 THM E . 13.25 11.10 16.49
C5M THM E . 13.74 11.66 17.82
C6 THM E . 13.41 11.90 15.24
C1 EDO F . 12.84 1.47 24.16
O1 EDO F . 12.22 1.28 22.89
C2 EDO F . 14.20 0.80 24.06
O2 EDO F . 15.03 1.18 25.15
C1 EDO G . 41.25 18.40 20.37
O1 EDO G . 40.02 18.22 19.64
C2 EDO G . 42.11 17.14 20.29
O2 EDO G . 42.84 17.15 19.07
C1 EDO H . 45.27 18.37 16.97
O1 EDO H . 45.41 16.95 16.86
C2 EDO H . 45.57 18.76 18.42
O2 EDO H . 45.30 17.60 19.24
C1 EDO I . -6.57 23.08 10.09
O1 EDO I . -6.87 22.79 8.71
C2 EDO I . -6.86 24.56 10.36
O2 EDO I . -6.07 25.05 11.46
O5' THM J . 1.65 -24.72 -10.57
C5' THM J . 0.94 -25.53 -11.46
C4' THM J . 0.23 -24.67 -12.48
O4' THM J . 1.34 -23.75 -13.24
C3' THM J . -0.37 -25.39 -13.40
O3' THM J . -1.77 -24.93 -13.49
C2' THM J . 0.35 -25.05 -14.73
C1' THM J . 0.83 -23.60 -14.44
N1 THM J . 1.76 -23.04 -15.45
C2 THM J . 3.05 -22.36 -15.07
O2 THM J . 3.41 -22.26 -13.95
N3 THM J . 3.94 -21.79 -16.14
C4 THM J . 3.54 -21.89 -17.53
O4 THM J . 4.25 -21.44 -18.37
C5 THM J . 2.25 -22.56 -17.91
C5M THM J . 1.81 -22.69 -19.36
C6 THM J . 1.38 -23.12 -16.84
C1 EDO K . -4.31 -48.50 -22.51
O1 EDO K . -4.28 -47.21 -23.14
C2 EDO K . -5.15 -48.48 -21.24
O2 EDO K . -6.52 -48.17 -21.56
#